data_8DOZ
#
_entry.id   8DOZ
#
_cell.length_a   40.000
_cell.length_b   50.610
_cell.length_c   106.210
_cell.angle_alpha   92.130
_cell.angle_beta   86.780
_cell.angle_gamma   82.260
#
_symmetry.space_group_name_H-M   'P 1'
#
loop_
_entity.id
_entity.type
_entity.pdbx_description
1 polymer 'Fab 2C7, heavy chain Fd fragment'
2 polymer 'Fab 2C7 lambda light chain'
3 non-polymer 'ACETATE ION'
4 non-polymer 'SULFATE ION'
5 non-polymer GLYCEROL
6 water water
#
loop_
_entity_poly.entity_id
_entity_poly.type
_entity_poly.pdbx_seq_one_letter_code
_entity_poly.pdbx_strand_id
1 'polypeptide(L)'
;EVQLQQSGPELVKPGSSVKISCKGSGYTFTDYNMEWVKQSHGKSLEWIGVINPNNRFTSYNQNFRGKATLTVDKSSSTAY
MDLRSLTSEDSAVYFCAGSRWYQYDYWGQGTTLTVSSASTKGPSVFPLAPSSKSTSGGTAALGCLVKDYFPEPVTVSWNS
GALTSGVHTFPAVLQSSGLYSLSSVVTVPSSSLGTQTYICNVNHAPSNTKVDKKVEPKSCD
;
A,C
2 'polypeptide(L)'
;QVVVTQESALTTSPGETVTLTCRSSTGAVTTSNYANWVQEKPDHLFTGLIGGINNRAPGVPARFSGSLIADKAALTITGA
QTEDEAIYFCALWYSNHWVFGGGTKLTVLGQPKAAPSVTLFPPSSEELQANKATLVCLISDFYPGAVTVAWKADSSPVKA
GVETTTPSKQSNNKYAASSYLSLTPEQWKSHRSYSCQVTHEGSTVEKTVAPTECS
;
B,D
#
loop_
_chem_comp.id
_chem_comp.type
_chem_comp.name
_chem_comp.formula
ACT non-polymer 'ACETATE ION' 'C2 H3 O2 -1'
GOL non-polymer GLYCEROL 'C3 H8 O3'
SO4 non-polymer 'SULFATE ION' 'O4 S -2'
#
# COMPACT_ATOMS: atom_id res chain seq x y z
N GLU A 1 4.53 23.93 -17.80
CA GLU A 1 5.75 23.32 -18.35
C GLU A 1 5.38 22.49 -19.58
N VAL A 2 6.32 22.29 -20.49
CA VAL A 2 6.09 21.39 -21.65
C VAL A 2 6.20 19.96 -21.14
N GLN A 3 5.19 19.15 -21.38
CA GLN A 3 5.20 17.74 -21.00
C GLN A 3 4.78 16.89 -22.18
N LEU A 4 5.58 15.90 -22.50
CA LEU A 4 5.20 14.82 -23.42
C LEU A 4 5.15 13.58 -22.53
N GLN A 5 3.94 13.22 -22.13
CA GLN A 5 3.70 12.14 -21.17
C GLN A 5 3.35 10.85 -21.89
N GLN A 6 4.23 9.87 -21.81
CA GLN A 6 4.03 8.59 -22.48
C GLN A 6 3.38 7.59 -21.52
N SER A 7 2.74 6.59 -22.12
CA SER A 7 2.13 5.50 -21.36
C SER A 7 3.23 4.68 -20.68
N GLY A 8 2.83 3.83 -19.75
CA GLY A 8 3.75 3.18 -18.85
C GLY A 8 4.42 1.98 -19.46
N PRO A 9 5.33 1.38 -18.69
CA PRO A 9 6.11 0.24 -19.18
C PRO A 9 5.23 -0.96 -19.51
N GLU A 10 5.72 -1.75 -20.48
CA GLU A 10 4.98 -2.88 -21.03
C GLU A 10 5.84 -4.12 -20.96
N LEU A 11 5.24 -5.22 -20.50
CA LEU A 11 5.87 -6.55 -20.49
C LEU A 11 4.86 -7.49 -21.14
N VAL A 12 5.19 -8.04 -22.31
CA VAL A 12 4.23 -8.75 -23.14
C VAL A 12 4.88 -9.96 -23.78
N LYS A 13 4.04 -10.90 -24.20
CA LYS A 13 4.57 -12.12 -24.77
C LYS A 13 4.89 -11.95 -26.26
N PRO A 14 5.82 -12.75 -26.77
CA PRO A 14 6.09 -12.72 -28.21
C PRO A 14 4.79 -12.91 -28.98
N GLY A 15 4.68 -12.19 -30.09
CA GLY A 15 3.51 -12.26 -30.92
C GLY A 15 2.38 -11.32 -30.56
N SER A 16 2.43 -10.65 -29.41
CA SER A 16 1.37 -9.70 -29.09
C SER A 16 1.63 -8.36 -29.79
N SER A 17 0.73 -7.40 -29.51
CA SER A 17 0.82 -6.02 -29.96
C SER A 17 0.75 -5.11 -28.74
N VAL A 18 1.31 -3.90 -28.85
CA VAL A 18 1.16 -2.88 -27.82
C VAL A 18 0.90 -1.56 -28.52
N LYS A 19 0.19 -0.68 -27.84
CA LYS A 19 -0.06 0.68 -28.32
C LYS A 19 0.50 1.63 -27.28
N ILE A 20 1.48 2.44 -27.69
CA ILE A 20 2.10 3.42 -26.81
C ILE A 20 1.47 4.77 -27.10
N SER A 21 1.10 5.48 -26.06
CA SER A 21 0.54 6.81 -26.20
C SER A 21 1.55 7.89 -25.74
N CYS A 22 1.37 9.08 -26.29
CA CYS A 22 2.24 10.22 -26.00
C CYS A 22 1.35 11.47 -25.99
N LYS A 23 1.04 11.98 -24.81
CA LYS A 23 0.13 13.11 -24.68
C LYS A 23 0.96 14.37 -24.44
N GLY A 24 0.70 15.39 -25.25
CA GLY A 24 1.37 16.67 -25.11
C GLY A 24 0.54 17.67 -24.33
N SER A 25 1.22 18.42 -23.45
CA SER A 25 0.59 19.55 -22.80
C SER A 25 1.61 20.64 -22.56
N GLY A 26 1.11 21.86 -22.41
CA GLY A 26 1.98 22.97 -22.09
C GLY A 26 2.65 23.61 -23.28
N TYR A 27 2.18 23.32 -24.48
CA TYR A 27 2.66 23.90 -25.72
C TYR A 27 1.53 23.76 -26.73
N THR A 28 1.68 24.45 -27.86
CA THR A 28 0.67 24.36 -28.92
C THR A 28 0.92 23.07 -29.70
N PHE A 29 0.06 22.09 -29.44
CA PHE A 29 0.30 20.74 -29.95
C PHE A 29 0.42 20.73 -31.46
N THR A 30 -0.40 21.55 -32.14
CA THR A 30 -0.40 21.55 -33.59
C THR A 30 0.75 22.34 -34.21
N ASP A 31 1.60 22.97 -33.41
CA ASP A 31 2.77 23.62 -33.97
C ASP A 31 3.94 22.66 -34.18
N TYR A 32 3.79 21.40 -33.75
CA TYR A 32 4.87 20.41 -33.75
C TYR A 32 4.43 19.12 -34.43
N ASN A 33 5.39 18.50 -35.11
CA ASN A 33 5.23 17.12 -35.55
C ASN A 33 5.67 16.17 -34.43
N MET A 34 5.12 14.95 -34.42
CA MET A 34 5.51 13.99 -33.40
C MET A 34 6.41 12.94 -34.04
N GLU A 35 7.70 12.99 -33.72
CA GLU A 35 8.69 11.98 -34.09
C GLU A 35 8.67 10.82 -33.10
N TRP A 36 9.04 9.62 -33.57
CA TRP A 36 9.17 8.45 -32.73
C TRP A 36 10.55 7.82 -32.94
N VAL A 37 11.16 7.37 -31.84
CA VAL A 37 12.54 6.90 -31.82
C VAL A 37 12.63 5.66 -30.95
N LYS A 38 13.41 4.68 -31.39
CA LYS A 38 13.69 3.46 -30.65
C LYS A 38 15.12 3.46 -30.17
N GLN A 39 15.32 3.17 -28.90
CA GLN A 39 16.66 3.02 -28.34
C GLN A 39 16.85 1.58 -27.89
N SER A 40 17.70 0.84 -28.60
CA SER A 40 17.97 -0.56 -28.31
C SER A 40 19.23 -0.69 -27.50
N HIS A 41 19.24 -1.73 -26.65
CA HIS A 41 20.41 -2.13 -25.87
C HIS A 41 20.85 -1.04 -24.90
N GLY A 42 19.96 -0.10 -24.60
CA GLY A 42 20.33 1.04 -23.78
C GLY A 42 21.33 1.98 -24.42
N LYS A 43 21.60 1.82 -25.72
CA LYS A 43 22.59 2.64 -26.40
C LYS A 43 22.03 3.30 -27.66
N SER A 44 21.92 2.54 -28.76
CA SER A 44 21.78 3.11 -30.09
C SER A 44 20.33 3.48 -30.42
N LEU A 45 20.20 4.54 -31.22
CA LEU A 45 18.94 5.20 -31.51
C LEU A 45 18.59 4.99 -32.98
N GLU A 46 17.32 4.68 -33.24
CA GLU A 46 16.82 4.56 -34.59
C GLU A 46 15.56 5.40 -34.72
N TRP A 47 15.46 6.12 -35.81
CA TRP A 47 14.24 6.87 -36.11
C TRP A 47 13.20 5.97 -36.71
N ILE A 48 12.01 5.95 -36.09
CA ILE A 48 10.91 5.15 -36.59
C ILE A 48 10.07 5.89 -37.62
N GLY A 49 9.66 7.12 -37.32
CA GLY A 49 8.85 7.86 -38.25
C GLY A 49 8.32 9.11 -37.57
N VAL A 50 7.42 9.79 -38.27
CA VAL A 50 6.88 11.06 -37.82
C VAL A 50 5.44 11.17 -38.29
N ILE A 51 4.60 11.86 -37.51
CA ILE A 51 3.26 12.18 -37.92
C ILE A 51 3.01 13.66 -37.62
N ASN A 52 2.22 14.30 -38.49
CA ASN A 52 1.84 15.70 -38.39
C ASN A 52 0.43 15.77 -37.83
N PRO A 53 0.22 16.39 -36.65
CA PRO A 53 -1.11 16.36 -36.01
C PRO A 53 -2.17 17.12 -36.79
N ASN A 54 -1.76 18.02 -37.67
CA ASN A 54 -2.69 18.88 -38.37
C ASN A 54 -3.42 18.11 -39.46
N ASN A 55 -2.70 17.19 -40.13
CA ASN A 55 -3.23 16.58 -41.36
C ASN A 55 -3.00 15.07 -41.40
N ARG A 56 -2.56 14.47 -40.29
CA ARG A 56 -2.21 13.05 -40.21
C ARG A 56 -1.18 12.61 -41.24
N PHE A 57 -0.42 13.52 -41.88
CA PHE A 57 0.59 13.07 -42.81
C PHE A 57 1.73 12.38 -42.06
N THR A 58 2.32 11.37 -42.70
CA THR A 58 3.30 10.55 -42.02
C THR A 58 4.46 10.29 -42.96
N SER A 59 5.61 10.07 -42.37
CA SER A 59 6.78 9.55 -43.05
C SER A 59 7.36 8.47 -42.14
N TYR A 60 7.83 7.38 -42.75
CA TYR A 60 8.34 6.26 -41.99
C TYR A 60 9.74 5.89 -42.44
N ASN A 61 10.48 5.32 -41.48
CA ASN A 61 11.73 4.63 -41.77
C ASN A 61 11.23 3.34 -42.39
N GLN A 62 11.69 2.97 -43.57
CA GLN A 62 11.19 1.77 -44.29
C GLN A 62 11.37 0.52 -43.42
N ASN A 63 12.37 0.50 -42.55
CA ASN A 63 12.66 -0.66 -41.68
C ASN A 63 11.50 -0.91 -40.70
N PHE A 64 10.65 0.08 -40.47
CA PHE A 64 9.56 -0.09 -39.50
C PHE A 64 8.20 -0.22 -40.14
N ARG A 65 8.10 -0.21 -41.48
CA ARG A 65 6.83 -0.47 -42.13
C ARG A 65 6.36 -1.89 -41.79
N GLY A 66 5.10 -2.02 -41.38
CA GLY A 66 4.57 -3.31 -40.95
C GLY A 66 4.93 -3.68 -39.53
N LYS A 67 5.75 -2.90 -38.86
CA LYS A 67 6.04 -3.06 -37.43
C LYS A 67 5.33 -2.00 -36.62
N ALA A 68 5.53 -0.73 -36.99
CA ALA A 68 4.98 0.40 -36.28
C ALA A 68 3.94 1.11 -37.12
N THR A 69 2.87 1.55 -36.45
CA THR A 69 1.85 2.40 -37.06
C THR A 69 1.63 3.62 -36.17
N LEU A 70 1.76 4.79 -36.78
CA LEU A 70 1.62 6.08 -36.12
C LEU A 70 0.24 6.66 -36.41
N THR A 71 -0.42 7.10 -35.35
CA THR A 71 -1.71 7.77 -35.45
C THR A 71 -1.71 8.96 -34.50
N VAL A 72 -2.73 9.81 -34.61
CA VAL A 72 -2.78 11.04 -33.83
C VAL A 72 -4.24 11.41 -33.62
N ASP A 73 -4.51 12.03 -32.48
CA ASP A 73 -5.82 12.59 -32.13
C ASP A 73 -5.55 14.01 -31.68
N LYS A 74 -5.65 14.95 -32.62
CA LYS A 74 -5.45 16.37 -32.33
C LYS A 74 -6.25 16.83 -31.11
N SER A 75 -7.52 16.42 -31.01
CA SER A 75 -8.39 17.04 -30.02
C SER A 75 -7.96 16.70 -28.59
N SER A 76 -7.36 15.52 -28.36
CA SER A 76 -6.84 15.13 -27.06
C SER A 76 -5.33 15.33 -26.97
N SER A 77 -4.72 15.98 -27.96
CA SER A 77 -3.29 16.24 -28.03
C SER A 77 -2.47 14.98 -27.78
N THR A 78 -2.89 13.86 -28.39
CA THR A 78 -2.21 12.58 -28.12
C THR A 78 -1.79 11.94 -29.43
N ALA A 79 -0.53 11.50 -29.49
CA ALA A 79 -0.02 10.68 -30.57
C ALA A 79 0.13 9.25 -30.09
N TYR A 80 0.02 8.30 -31.00
CA TYR A 80 0.10 6.90 -30.64
C TYR A 80 1.01 6.15 -31.60
N MET A 81 1.64 5.09 -31.10
CA MET A 81 2.37 4.19 -31.98
C MET A 81 2.03 2.77 -31.57
N ASP A 82 1.46 2.05 -32.52
CA ASP A 82 1.14 0.64 -32.38
C ASP A 82 2.31 -0.19 -32.87
N LEU A 83 2.77 -1.14 -32.05
CA LEU A 83 3.84 -2.06 -32.46
C LEU A 83 3.26 -3.47 -32.50
N ARG A 84 3.38 -4.14 -33.65
CA ARG A 84 2.67 -5.41 -33.85
C ARG A 84 3.67 -6.55 -34.02
N SER A 85 3.14 -7.77 -33.88
CA SER A 85 3.91 -9.01 -34.11
C SER A 85 5.21 -8.99 -33.33
N LEU A 86 5.09 -8.76 -32.02
CA LEU A 86 6.26 -8.40 -31.23
C LEU A 86 7.19 -9.60 -31.06
N THR A 87 8.48 -9.33 -31.15
CA THR A 87 9.52 -10.29 -30.87
C THR A 87 10.51 -9.69 -29.87
N SER A 88 11.46 -10.50 -29.43
CA SER A 88 12.45 -9.97 -28.50
C SER A 88 13.26 -8.83 -29.12
N GLU A 89 13.37 -8.80 -30.45
CA GLU A 89 14.03 -7.70 -31.15
C GLU A 89 13.37 -6.35 -30.87
N ASP A 90 12.09 -6.35 -30.49
CA ASP A 90 11.38 -5.11 -30.22
C ASP A 90 11.55 -4.63 -28.79
N SER A 91 12.17 -5.43 -27.91
CA SER A 91 12.42 -4.95 -26.56
C SER A 91 13.33 -3.73 -26.64
N ALA A 92 12.92 -2.62 -26.03
CA ALA A 92 13.64 -1.36 -26.22
C ALA A 92 12.95 -0.28 -25.40
N VAL A 93 13.56 0.89 -25.34
CA VAL A 93 12.88 2.07 -24.83
C VAL A 93 12.46 2.91 -26.03
N TYR A 94 11.19 3.30 -26.07
CA TYR A 94 10.65 4.05 -27.18
C TYR A 94 10.32 5.47 -26.74
N PHE A 95 10.61 6.43 -27.60
CA PHE A 95 10.43 7.85 -27.28
C PHE A 95 9.57 8.52 -28.34
N CYS A 96 8.66 9.38 -27.91
CA CYS A 96 8.08 10.39 -28.79
C CYS A 96 8.85 11.70 -28.58
N ALA A 97 8.83 12.55 -29.58
CA ALA A 97 9.51 13.84 -29.51
C ALA A 97 8.78 14.82 -30.41
N GLY A 98 8.65 16.06 -29.94
CA GLY A 98 8.02 17.13 -30.69
C GLY A 98 9.02 17.90 -31.48
N SER A 99 8.82 18.00 -32.77
CA SER A 99 9.77 18.67 -33.65
C SER A 99 9.09 19.77 -34.45
N ARG A 100 9.90 20.77 -34.81
CA ARG A 100 9.45 21.94 -35.56
C ARG A 100 10.66 22.48 -36.30
N TRP A 101 10.54 22.72 -37.62
CA TRP A 101 11.66 23.30 -38.38
C TRP A 101 12.94 22.47 -38.24
N TYR A 102 12.79 21.15 -38.44
CA TYR A 102 13.87 20.19 -38.42
C TYR A 102 14.66 20.24 -37.12
N GLN A 103 13.94 20.43 -36.00
CA GLN A 103 14.54 20.50 -34.68
C GLN A 103 13.69 19.73 -33.67
N TYR A 104 14.32 18.80 -32.96
CA TYR A 104 13.72 18.04 -31.86
C TYR A 104 13.71 18.91 -30.62
N ASP A 105 12.61 19.61 -30.40
CA ASP A 105 12.55 20.52 -29.27
C ASP A 105 12.24 19.84 -27.95
N TYR A 106 11.33 18.86 -27.95
CA TYR A 106 10.77 18.29 -26.74
C TYR A 106 10.77 16.77 -26.82
N TRP A 107 11.06 16.10 -25.70
CA TRP A 107 11.11 14.64 -25.63
C TRP A 107 10.18 14.09 -24.57
N GLY A 108 9.47 13.00 -24.90
CA GLY A 108 8.78 12.23 -23.89
C GLY A 108 9.74 11.55 -22.92
N GLN A 109 9.19 10.97 -21.86
CA GLN A 109 10.01 10.34 -20.83
C GLN A 109 10.44 8.93 -21.20
N GLY A 110 9.97 8.39 -22.32
CA GLY A 110 10.32 7.04 -22.70
C GLY A 110 9.33 5.99 -22.20
N THR A 111 9.12 4.96 -23.02
CA THR A 111 8.30 3.82 -22.66
C THR A 111 9.16 2.56 -22.82
N THR A 112 9.34 1.83 -21.73
CA THR A 112 10.07 0.57 -21.79
C THR A 112 9.14 -0.58 -22.20
N LEU A 113 9.55 -1.30 -23.24
CA LEU A 113 8.85 -2.49 -23.73
C LEU A 113 9.79 -3.68 -23.61
N THR A 114 9.32 -4.71 -22.90
CA THR A 114 10.01 -5.98 -22.75
C THR A 114 9.12 -7.06 -23.35
N VAL A 115 9.63 -7.75 -24.35
CA VAL A 115 8.95 -8.87 -24.99
C VAL A 115 9.63 -10.12 -24.48
N SER A 116 8.86 -10.96 -23.79
CA SER A 116 9.43 -12.09 -23.09
C SER A 116 8.34 -13.11 -22.81
N SER A 117 8.69 -14.39 -22.90
CA SER A 117 7.80 -15.44 -22.45
C SER A 117 8.18 -15.96 -21.06
N ALA A 118 9.08 -15.29 -20.36
CA ALA A 118 9.46 -15.72 -19.02
C ALA A 118 8.36 -15.43 -18.01
N SER A 119 8.32 -16.22 -16.96
CA SER A 119 7.33 -16.06 -15.91
C SER A 119 7.92 -15.38 -14.68
N THR A 120 7.02 -14.76 -13.91
CA THR A 120 7.39 -14.06 -12.70
C THR A 120 8.03 -15.01 -11.68
N LYS A 121 9.09 -14.52 -11.03
CA LYS A 121 9.83 -15.27 -10.02
C LYS A 121 10.19 -14.29 -8.92
N GLY A 122 9.77 -14.60 -7.68
CA GLY A 122 10.04 -13.72 -6.55
C GLY A 122 11.47 -13.87 -6.04
N PRO A 123 11.93 -12.88 -5.30
CA PRO A 123 13.33 -12.88 -4.86
C PRO A 123 13.55 -13.71 -3.61
N SER A 124 14.80 -14.11 -3.45
CA SER A 124 15.34 -14.62 -2.20
C SER A 124 16.22 -13.56 -1.58
N VAL A 125 16.12 -13.35 -0.27
CA VAL A 125 16.83 -12.26 0.38
C VAL A 125 17.75 -12.81 1.45
N PHE A 126 18.99 -12.34 1.46
CA PHE A 126 20.01 -12.81 2.37
C PHE A 126 20.73 -11.62 2.99
N PRO A 127 21.18 -11.78 4.22
CA PRO A 127 21.85 -10.67 4.89
C PRO A 127 23.28 -10.59 4.42
N LEU A 128 23.79 -9.38 4.41
CA LEU A 128 25.21 -9.06 4.22
C LEU A 128 25.65 -8.54 5.58
N ALA A 129 26.13 -9.44 6.42
CA ALA A 129 26.28 -9.17 7.83
C ALA A 129 27.57 -8.40 8.07
N PRO A 130 27.54 -7.38 8.94
CA PRO A 130 28.77 -6.68 9.29
C PRO A 130 29.62 -7.55 10.22
N SER A 131 30.92 -7.35 10.14
CA SER A 131 31.88 -8.20 10.83
C SER A 131 32.59 -7.43 11.95
N GLY A 138 35.45 3.09 13.57
CA GLY A 138 35.04 3.95 12.48
C GLY A 138 33.62 3.54 12.05
N THR A 139 33.44 3.27 10.76
CA THR A 139 32.14 2.83 10.25
C THR A 139 32.19 1.37 9.84
N ALA A 140 31.01 0.79 9.62
CA ALA A 140 30.86 -0.56 9.13
C ALA A 140 29.82 -0.58 8.02
N ALA A 141 29.99 -1.50 7.08
CA ALA A 141 29.03 -1.70 6.01
C ALA A 141 28.24 -2.96 6.29
N LEU A 142 26.95 -2.90 6.07
CA LEU A 142 26.04 -4.05 6.15
C LEU A 142 25.06 -3.90 5.01
N GLY A 143 24.32 -4.96 4.72
CA GLY A 143 23.42 -4.85 3.60
C GLY A 143 22.51 -6.04 3.48
N CYS A 144 21.83 -6.07 2.34
CA CYS A 144 20.93 -7.15 1.97
CA CYS A 144 21.10 -7.27 2.00
C CYS A 144 21.15 -7.48 0.49
N LEU A 145 21.17 -8.75 0.18
CA LEU A 145 21.32 -9.30 -1.15
C LEU A 145 19.98 -9.86 -1.60
N VAL A 146 19.51 -9.39 -2.75
CA VAL A 146 18.20 -9.75 -3.30
C VAL A 146 18.45 -10.54 -4.58
N LYS A 147 18.15 -11.85 -4.54
CA LYS A 147 18.63 -12.80 -5.55
C LYS A 147 17.52 -13.32 -6.46
N ASP A 148 17.83 -13.34 -7.76
CA ASP A 148 17.19 -14.21 -8.76
C ASP A 148 15.68 -14.00 -8.85
N TYR A 149 15.32 -12.79 -9.26
CA TYR A 149 13.91 -12.45 -9.42
C TYR A 149 13.65 -12.02 -10.86
N PHE A 150 12.37 -11.96 -11.22
CA PHE A 150 11.97 -11.47 -12.55
C PHE A 150 10.49 -11.14 -12.47
N PRO A 151 10.02 -10.05 -13.09
CA PRO A 151 10.76 -8.98 -13.78
C PRO A 151 11.24 -7.89 -12.83
N GLU A 152 11.95 -6.87 -13.33
CA GLU A 152 12.15 -5.68 -12.54
C GLU A 152 10.79 -5.01 -12.29
N PRO A 153 10.69 -4.16 -11.24
CA PRO A 153 11.70 -3.78 -10.25
C PRO A 153 11.52 -4.37 -8.86
N VAL A 154 12.62 -4.31 -8.12
CA VAL A 154 12.66 -4.48 -6.68
C VAL A 154 13.00 -3.11 -6.08
N THR A 155 12.35 -2.77 -4.98
CA THR A 155 12.72 -1.61 -4.19
C THR A 155 13.14 -2.11 -2.80
N VAL A 156 13.95 -1.30 -2.15
CA VAL A 156 14.51 -1.62 -0.84
C VAL A 156 14.53 -0.35 -0.01
N SER A 157 14.01 -0.43 1.20
CA SER A 157 14.19 0.58 2.23
C SER A 157 14.85 -0.08 3.44
N TRP A 158 15.30 0.77 4.36
CA TRP A 158 15.85 0.31 5.62
C TRP A 158 15.01 0.90 6.75
N ASN A 159 14.67 0.05 7.72
CA ASN A 159 13.95 0.47 8.92
C ASN A 159 12.67 1.22 8.54
N SER A 160 12.01 0.71 7.50
CA SER A 160 10.74 1.23 6.99
C SER A 160 10.86 2.67 6.50
N GLY A 161 12.04 3.04 6.07
CA GLY A 161 12.28 4.37 5.55
C GLY A 161 12.86 5.33 6.56
N ALA A 162 12.97 4.91 7.83
CA ALA A 162 13.55 5.76 8.85
C ALA A 162 15.05 5.91 8.69
N LEU A 163 15.71 4.98 8.00
CA LEU A 163 17.15 5.04 7.77
C LEU A 163 17.45 5.37 6.30
N THR A 164 18.18 6.46 6.09
CA THR A 164 18.58 6.89 4.76
C THR A 164 20.02 7.35 4.66
N SER A 165 20.63 7.84 5.74
CA SER A 165 22.01 8.27 5.64
C SER A 165 22.92 7.05 5.48
N GLY A 166 23.81 7.12 4.50
CA GLY A 166 24.71 6.03 4.19
C GLY A 166 24.08 4.87 3.44
N VAL A 167 22.84 5.00 2.98
CA VAL A 167 22.16 3.93 2.26
C VAL A 167 22.46 4.10 0.78
N HIS A 168 22.79 2.99 0.12
CA HIS A 168 22.91 2.98 -1.33
C HIS A 168 22.30 1.68 -1.84
N THR A 169 21.25 1.77 -2.63
CA THR A 169 20.65 0.61 -3.26
C THR A 169 21.13 0.61 -4.71
N PHE A 170 21.77 -0.47 -5.12
CA PHE A 170 22.41 -0.56 -6.42
C PHE A 170 21.39 -0.87 -7.53
N PRO A 171 21.71 -0.49 -8.76
CA PRO A 171 20.98 -1.04 -9.92
C PRO A 171 21.10 -2.55 -9.96
N ALA A 172 20.05 -3.20 -10.45
CA ALA A 172 20.15 -4.62 -10.63
C ALA A 172 21.14 -5.01 -11.71
N VAL A 173 21.62 -6.26 -11.59
CA VAL A 173 22.33 -6.94 -12.66
C VAL A 173 21.40 -7.95 -13.31
N LEU A 174 21.48 -8.04 -14.63
CA LEU A 174 20.85 -9.11 -15.39
C LEU A 174 21.86 -10.25 -15.57
N GLN A 175 21.48 -11.43 -15.12
CA GLN A 175 22.41 -12.55 -15.09
C GLN A 175 22.20 -13.42 -16.33
N SER A 176 23.15 -14.33 -16.56
CA SER A 176 23.05 -15.29 -17.64
C SER A 176 21.71 -15.99 -17.64
N SER A 177 21.18 -16.28 -16.45
CA SER A 177 19.94 -17.03 -16.29
C SER A 177 18.74 -16.27 -16.83
N GLY A 178 18.86 -14.98 -17.07
CA GLY A 178 17.70 -14.17 -17.40
C GLY A 178 17.00 -13.58 -16.20
N LEU A 179 17.50 -13.86 -15.00
CA LEU A 179 16.97 -13.34 -13.75
C LEU A 179 17.84 -12.18 -13.29
N TYR A 180 17.26 -11.34 -12.44
CA TYR A 180 17.91 -10.17 -11.88
C TYR A 180 18.34 -10.41 -10.46
N SER A 181 19.37 -9.70 -10.02
CA SER A 181 19.78 -9.68 -8.60
C SER A 181 20.21 -8.24 -8.29
N LEU A 182 20.04 -7.79 -7.07
CA LEU A 182 20.54 -6.45 -6.68
C LEU A 182 20.97 -6.53 -5.22
N SER A 183 21.57 -5.48 -4.71
CA SER A 183 22.01 -5.40 -3.30
C SER A 183 21.73 -3.99 -2.81
N SER A 184 21.52 -3.84 -1.51
CA SER A 184 21.35 -2.55 -0.88
C SER A 184 22.26 -2.55 0.32
N VAL A 185 23.01 -1.47 0.53
CA VAL A 185 23.99 -1.44 1.60
C VAL A 185 23.80 -0.18 2.41
N VAL A 186 24.23 -0.24 3.67
CA VAL A 186 24.19 0.93 4.55
C VAL A 186 25.54 1.03 5.23
N THR A 187 26.11 2.23 5.25
CA THR A 187 27.27 2.52 6.09
C THR A 187 26.77 3.13 7.39
N VAL A 188 27.17 2.52 8.51
CA VAL A 188 26.69 2.90 9.84
C VAL A 188 27.90 3.00 10.76
N PRO A 189 27.74 3.69 11.89
CA PRO A 189 28.82 3.71 12.89
C PRO A 189 29.05 2.32 13.47
N SER A 190 30.32 1.93 13.58
CA SER A 190 30.63 0.64 14.19
C SER A 190 30.08 0.58 15.61
N SER A 191 30.14 1.69 16.33
CA SER A 191 29.66 1.70 17.71
C SER A 191 28.18 1.38 17.80
N SER A 192 27.43 1.50 16.72
CA SER A 192 26.03 1.17 16.74
C SER A 192 25.74 -0.31 16.48
N LEU A 193 26.75 -1.10 16.11
CA LEU A 193 26.53 -2.52 15.85
C LEU A 193 26.17 -3.23 17.15
N GLY A 194 25.08 -3.96 17.13
CA GLY A 194 24.64 -4.70 18.30
C GLY A 194 23.63 -3.99 19.18
N THR A 195 23.51 -2.67 19.07
CA THR A 195 22.48 -1.94 19.79
C THR A 195 21.51 -1.21 18.89
N GLN A 196 21.76 -1.15 17.59
CA GLN A 196 20.81 -0.56 16.64
C GLN A 196 20.25 -1.68 15.76
N THR A 197 18.95 -1.68 15.57
CA THR A 197 18.31 -2.62 14.66
C THR A 197 18.38 -2.10 13.23
N TYR A 198 18.77 -2.98 12.31
CA TYR A 198 18.83 -2.67 10.89
C TYR A 198 18.05 -3.71 10.11
N ILE A 199 16.96 -3.30 9.50
CA ILE A 199 16.03 -4.19 8.80
C ILE A 199 15.95 -3.67 7.37
N CYS A 200 16.23 -4.52 6.39
CA CYS A 200 15.95 -4.13 5.02
C CYS A 200 14.58 -4.65 4.63
N ASN A 201 13.83 -3.78 3.97
CA ASN A 201 12.46 -4.06 3.51
C ASN A 201 12.54 -4.16 2.00
N VAL A 202 12.36 -5.36 1.48
CA VAL A 202 12.49 -5.66 0.06
C VAL A 202 11.08 -5.86 -0.52
N ASN A 203 10.75 -5.08 -1.55
CA ASN A 203 9.46 -5.14 -2.21
C ASN A 203 9.64 -5.61 -3.65
N HIS A 204 8.93 -6.67 -4.04
CA HIS A 204 8.87 -7.09 -5.43
C HIS A 204 7.40 -7.16 -5.82
N ALA A 205 6.86 -6.02 -6.29
CA ALA A 205 5.44 -5.96 -6.59
C ALA A 205 5.01 -6.95 -7.65
N PRO A 206 5.79 -7.24 -8.69
CA PRO A 206 5.32 -8.19 -9.71
C PRO A 206 4.98 -9.59 -9.17
N SER A 207 5.60 -10.04 -8.08
CA SER A 207 5.29 -11.33 -7.48
C SER A 207 4.50 -11.20 -6.18
N ASN A 208 4.03 -10.00 -5.85
CA ASN A 208 3.31 -9.75 -4.60
C ASN A 208 4.10 -10.23 -3.38
N THR A 209 5.40 -9.94 -3.38
CA THR A 209 6.30 -10.39 -2.32
C THR A 209 6.87 -9.20 -1.57
N LYS A 210 6.87 -9.27 -0.25
CA LYS A 210 7.63 -8.34 0.56
C LYS A 210 8.43 -9.18 1.53
N VAL A 211 9.70 -8.80 1.76
CA VAL A 211 10.54 -9.46 2.74
C VAL A 211 11.17 -8.42 3.64
N ASP A 212 11.13 -8.66 4.95
CA ASP A 212 11.95 -7.92 5.90
C ASP A 212 13.01 -8.86 6.46
N LYS A 213 14.25 -8.39 6.47
CA LYS A 213 15.41 -9.14 6.97
C LYS A 213 16.14 -8.23 7.95
N LYS A 214 16.19 -8.63 9.21
CA LYS A 214 17.05 -7.95 10.17
C LYS A 214 18.47 -8.47 9.98
N VAL A 215 19.39 -7.54 9.81
CA VAL A 215 20.77 -7.85 9.54
C VAL A 215 21.56 -7.59 10.83
N GLU A 216 22.23 -8.63 11.33
CA GLU A 216 22.96 -8.64 12.60
C GLU A 216 24.40 -9.05 12.41
N PRO A 217 25.30 -8.58 13.29
CA PRO A 217 26.72 -8.93 13.16
C PRO A 217 26.95 -10.42 13.18
N VAL B 2 23.57 4.19 -44.58
CA VAL B 2 24.07 5.50 -44.13
C VAL B 2 24.48 5.40 -42.68
N VAL B 3 25.65 5.93 -42.33
CA VAL B 3 26.20 5.76 -40.99
C VAL B 3 26.72 7.10 -40.50
N VAL B 4 26.28 7.49 -39.30
CA VAL B 4 26.67 8.73 -38.64
C VAL B 4 27.60 8.39 -37.49
N THR B 5 28.79 9.02 -37.45
CA THR B 5 29.82 8.60 -36.52
C THR B 5 30.22 9.74 -35.60
N GLN B 6 30.31 9.44 -34.31
CA GLN B 6 30.67 10.39 -33.28
C GLN B 6 31.80 9.82 -32.44
N GLU B 7 32.61 10.69 -31.83
CA GLU B 7 33.53 10.22 -30.79
C GLU B 7 32.77 9.38 -29.78
N SER B 8 33.40 8.31 -29.28
CA SER B 8 32.69 7.49 -28.30
C SER B 8 32.75 8.08 -26.90
N ALA B 9 33.85 8.74 -26.53
CA ALA B 9 33.95 9.31 -25.20
C ALA B 9 34.89 10.50 -25.22
N LEU B 10 34.53 11.52 -24.48
CA LEU B 10 35.43 12.66 -24.27
C LEU B 10 35.41 13.03 -22.80
N THR B 11 36.52 13.57 -22.30
CA THR B 11 36.62 14.02 -20.91
C THR B 11 37.01 15.49 -20.88
N THR B 12 36.33 16.28 -20.05
CA THR B 12 36.67 17.69 -19.85
C THR B 12 36.52 18.04 -18.37
N SER B 13 36.72 19.30 -18.07
CA SER B 13 36.66 19.81 -16.71
C SER B 13 35.86 21.10 -16.67
N PRO B 14 35.31 21.46 -15.51
CA PRO B 14 34.54 22.71 -15.41
C PRO B 14 35.30 23.92 -15.93
N GLY B 15 34.60 24.74 -16.72
CA GLY B 15 35.16 25.93 -17.29
C GLY B 15 35.86 25.75 -18.62
N GLU B 16 36.15 24.52 -19.01
CA GLU B 16 36.86 24.27 -20.25
C GLU B 16 35.89 24.31 -21.42
N THR B 17 36.45 24.38 -22.61
CA THR B 17 35.71 24.23 -23.86
C THR B 17 35.92 22.84 -24.39
N VAL B 18 34.84 22.19 -24.81
CA VAL B 18 34.92 20.88 -25.41
C VAL B 18 34.08 20.91 -26.69
N THR B 19 34.51 20.14 -27.68
CA THR B 19 33.91 20.13 -29.00
C THR B 19 33.65 18.69 -29.42
N LEU B 20 32.39 18.40 -29.71
CA LEU B 20 31.96 17.08 -30.18
C LEU B 20 31.68 17.18 -31.66
N THR B 21 31.97 16.12 -32.39
CA THR B 21 31.75 16.12 -33.83
C THR B 21 30.92 14.93 -34.29
N CYS B 22 30.46 15.07 -35.54
CA CYS B 22 29.39 14.23 -36.10
C CYS B 22 29.67 14.09 -37.59
N ARG B 23 30.06 12.90 -38.03
CA ARG B 23 30.47 12.66 -39.41
C ARG B 23 29.40 11.84 -40.13
N SER B 24 29.19 12.14 -41.41
CA SER B 24 28.28 11.38 -42.25
C SER B 24 29.06 10.53 -43.24
N SER B 25 28.67 9.27 -43.40
CA SER B 25 29.38 8.36 -44.28
C SER B 25 29.14 8.68 -45.75
N THR B 26 28.16 9.51 -46.05
CA THR B 26 27.85 9.88 -47.42
C THR B 26 28.76 10.98 -47.94
N GLY B 27 29.53 11.62 -47.07
CA GLY B 27 30.32 12.77 -47.45
C GLY B 27 30.20 13.89 -46.44
N ALA B 28 30.25 15.13 -46.92
CA ALA B 28 30.31 16.27 -46.02
C ALA B 28 28.94 16.59 -45.45
N VAL B 29 28.91 16.89 -44.15
CA VAL B 29 27.70 17.40 -43.53
C VAL B 29 27.46 18.81 -44.02
N THR B 30 26.22 19.10 -44.38
CA THR B 30 25.84 20.41 -44.86
C THR B 30 24.68 20.92 -44.02
N THR B 31 24.41 22.22 -44.13
CA THR B 31 23.33 22.79 -43.35
C THR B 31 21.99 22.13 -43.68
N SER B 32 21.89 21.46 -44.83
CA SER B 32 20.65 20.79 -45.21
C SER B 32 20.51 19.41 -44.58
N ASN B 33 21.52 18.94 -43.84
CA ASN B 33 21.36 17.79 -42.96
C ASN B 33 20.75 18.17 -41.62
N TYR B 34 20.55 19.47 -41.40
CA TYR B 34 19.84 19.98 -40.22
C TYR B 34 20.30 19.29 -38.95
N ALA B 35 21.63 19.28 -38.75
CA ALA B 35 22.19 18.50 -37.66
C ALA B 35 21.54 18.86 -36.33
N ASN B 36 21.03 17.84 -35.64
CA ASN B 36 20.50 17.97 -34.30
C ASN B 36 21.45 17.38 -33.29
N TRP B 37 21.44 17.96 -32.10
CA TRP B 37 22.16 17.42 -30.97
C TRP B 37 21.16 17.29 -29.85
N VAL B 38 21.17 16.13 -29.22
CA VAL B 38 20.30 15.82 -28.09
C VAL B 38 21.16 15.20 -27.00
N GLN B 39 20.75 15.41 -25.77
CA GLN B 39 21.50 15.05 -24.56
C GLN B 39 20.72 14.00 -23.77
N GLU B 40 21.37 12.89 -23.43
CA GLU B 40 20.79 11.82 -22.61
C GLU B 40 21.42 11.81 -21.23
N LYS B 41 20.60 11.98 -20.21
CA LYS B 41 21.01 11.83 -18.82
C LYS B 41 20.32 10.64 -18.18
N PRO B 42 20.76 10.25 -16.99
CA PRO B 42 20.24 9.03 -16.37
C PRO B 42 18.74 9.04 -16.22
N ASP B 43 18.18 7.84 -16.22
CA ASP B 43 16.75 7.63 -16.17
C ASP B 43 16.10 8.07 -17.47
N HIS B 44 16.77 7.77 -18.59
CA HIS B 44 16.19 7.91 -19.92
C HIS B 44 15.71 9.34 -20.17
N LEU B 45 16.50 10.32 -19.74
CA LEU B 45 16.08 11.71 -19.79
C LEU B 45 16.75 12.35 -20.99
N PHE B 46 15.99 12.59 -22.05
CA PHE B 46 16.51 13.24 -23.24
C PHE B 46 16.12 14.70 -23.29
N THR B 47 17.08 15.56 -23.67
CA THR B 47 16.83 17.00 -23.83
C THR B 47 17.35 17.45 -25.19
N GLY B 48 16.53 18.16 -25.95
CA GLY B 48 17.02 18.75 -27.19
C GLY B 48 17.93 19.92 -26.90
N LEU B 49 19.03 20.01 -27.67
CA LEU B 49 20.01 21.07 -27.51
C LEU B 49 20.11 21.96 -28.75
N ILE B 50 20.41 21.40 -29.91
CA ILE B 50 20.60 22.14 -31.15
C ILE B 50 19.80 21.45 -32.25
N GLY B 51 19.25 22.25 -33.17
CA GLY B 51 18.68 21.74 -34.39
C GLY B 51 18.53 22.82 -35.44
N GLY B 52 17.75 22.51 -36.46
CA GLY B 52 17.58 23.47 -37.54
C GLY B 52 18.96 23.76 -38.12
N ILE B 53 19.34 25.03 -38.14
CA ILE B 53 20.69 25.45 -38.53
C ILE B 53 21.31 26.11 -37.31
N ASN B 54 22.00 25.32 -36.49
CA ASN B 54 22.70 25.83 -35.29
C ASN B 54 21.75 26.60 -34.38
N ASN B 55 20.50 26.15 -34.31
CA ASN B 55 19.52 26.81 -33.46
C ASN B 55 19.39 26.11 -32.11
N ARG B 56 19.46 26.88 -31.04
CA ARG B 56 19.30 26.33 -29.70
C ARG B 56 17.82 26.06 -29.42
N ALA B 57 17.57 24.92 -28.81
CA ALA B 57 16.24 24.53 -28.35
C ALA B 57 15.78 25.43 -27.21
N PRO B 58 14.49 25.43 -26.90
CA PRO B 58 14.01 26.35 -25.86
C PRO B 58 14.68 26.06 -24.52
N GLY B 59 15.12 27.13 -23.85
CA GLY B 59 15.69 27.04 -22.52
C GLY B 59 17.13 26.54 -22.44
N VAL B 60 17.73 26.23 -23.58
CA VAL B 60 19.10 25.69 -23.58
C VAL B 60 20.09 26.80 -23.26
N PRO B 61 21.05 26.56 -22.35
CA PRO B 61 22.03 27.59 -22.01
C PRO B 61 22.84 28.06 -23.22
N ALA B 62 23.24 29.33 -23.17
CA ALA B 62 23.99 29.92 -24.28
C ALA B 62 25.33 29.23 -24.51
N ARG B 63 25.87 28.50 -23.52
CA ARG B 63 27.16 27.86 -23.69
C ARG B 63 27.18 26.73 -24.71
N PHE B 64 26.01 26.26 -25.17
CA PHE B 64 25.90 25.24 -26.21
C PHE B 64 25.75 25.93 -27.56
N SER B 65 26.56 25.54 -28.54
CA SER B 65 26.40 26.15 -29.87
C SER B 65 26.75 25.10 -30.91
N GLY B 66 26.15 25.23 -32.10
CA GLY B 66 26.37 24.30 -33.19
C GLY B 66 27.11 25.00 -34.32
N SER B 67 27.85 24.22 -35.09
CA SER B 67 28.54 24.76 -36.26
C SER B 67 28.93 23.60 -37.14
N LEU B 68 29.52 23.90 -38.30
CA LEU B 68 30.26 22.92 -39.08
C LEU B 68 31.76 23.13 -38.82
N ILE B 69 32.48 22.02 -38.70
CA ILE B 69 33.94 22.05 -38.59
C ILE B 69 34.43 21.11 -39.67
N ALA B 70 35.03 21.67 -40.72
CA ALA B 70 35.49 20.85 -41.82
C ALA B 70 34.28 20.19 -42.46
N ASP B 71 34.32 18.90 -42.72
CA ASP B 71 33.22 18.17 -43.31
C ASP B 71 32.28 17.60 -42.27
N LYS B 72 32.34 18.06 -41.03
CA LYS B 72 31.56 17.45 -39.97
C LYS B 72 30.67 18.49 -39.30
N ALA B 73 29.61 18.02 -38.62
CA ALA B 73 28.88 18.89 -37.73
C ALA B 73 29.52 18.89 -36.35
N ALA B 74 29.37 20.00 -35.62
CA ALA B 74 30.00 20.12 -34.33
C ALA B 74 29.08 20.73 -33.28
N LEU B 75 29.27 20.29 -32.05
CA LEU B 75 28.66 20.86 -30.87
C LEU B 75 29.79 21.34 -29.99
N THR B 76 29.75 22.62 -29.66
CA THR B 76 30.72 23.23 -28.77
C THR B 76 30.03 23.57 -27.47
N ILE B 77 30.63 23.14 -26.37
CA ILE B 77 30.21 23.54 -25.03
C ILE B 77 31.36 24.41 -24.49
N THR B 78 31.13 25.71 -24.33
CA THR B 78 32.08 26.61 -23.66
C THR B 78 31.79 26.62 -22.15
N GLY B 79 32.83 26.81 -21.39
CA GLY B 79 32.63 26.92 -19.96
C GLY B 79 31.83 25.74 -19.42
N ALA B 80 32.31 24.53 -19.68
CA ALA B 80 31.54 23.33 -19.34
C ALA B 80 31.21 23.31 -17.86
N GLN B 81 30.04 22.77 -17.53
CA GLN B 81 29.59 22.66 -16.13
C GLN B 81 29.47 21.17 -15.77
N THR B 82 29.52 20.85 -14.48
CA THR B 82 29.44 19.46 -13.98
C THR B 82 28.16 18.81 -14.52
N GLU B 83 27.08 19.57 -14.61
CA GLU B 83 25.78 19.08 -15.11
C GLU B 83 25.85 18.66 -16.59
N ASP B 84 26.87 19.06 -17.33
CA ASP B 84 26.96 18.77 -18.78
C ASP B 84 27.42 17.33 -18.99
N GLU B 85 27.75 16.63 -17.96
CA GLU B 85 28.08 15.22 -18.13
C GLU B 85 26.84 14.43 -18.55
N ALA B 86 26.96 13.71 -19.66
CA ALA B 86 25.81 13.13 -20.32
C ALA B 86 26.32 12.46 -21.58
N ILE B 87 25.42 11.75 -22.25
CA ILE B 87 25.66 11.20 -23.57
C ILE B 87 25.03 12.15 -24.59
N TYR B 88 25.78 12.52 -25.60
CA TYR B 88 25.35 13.47 -26.61
C TYR B 88 25.17 12.73 -27.92
N PHE B 89 23.98 12.80 -28.48
CA PHE B 89 23.71 12.17 -29.76
C PHE B 89 23.51 13.23 -30.84
N CYS B 90 24.06 12.99 -32.01
CA CYS B 90 23.74 13.83 -33.16
CA CYS B 90 23.79 13.79 -33.19
C CYS B 90 22.83 13.06 -34.11
N ALA B 91 22.04 13.82 -34.84
CA ALA B 91 21.19 13.24 -35.85
C ALA B 91 21.21 14.13 -37.07
N LEU B 92 21.29 13.48 -38.24
CA LEU B 92 21.35 14.12 -39.54
C LEU B 92 20.15 13.71 -40.37
N TRP B 93 19.61 14.67 -41.11
CA TRP B 93 18.48 14.47 -42.00
C TRP B 93 18.96 14.16 -43.41
N TYR B 94 18.36 13.13 -44.03
CA TYR B 94 18.69 12.73 -45.40
C TYR B 94 17.41 12.71 -46.24
N SER B 95 16.88 13.90 -46.53
CA SER B 95 15.77 14.14 -47.45
C SER B 95 14.45 13.62 -46.92
N ASN B 96 14.47 12.40 -46.36
CA ASN B 96 13.24 11.75 -45.92
C ASN B 96 13.40 10.88 -44.67
N HIS B 97 14.50 11.00 -43.94
CA HIS B 97 14.63 10.25 -42.70
C HIS B 97 15.80 10.80 -41.88
N TRP B 98 15.70 10.63 -40.56
CA TRP B 98 16.78 10.97 -39.66
C TRP B 98 17.65 9.74 -39.45
N VAL B 99 18.95 9.97 -39.30
CA VAL B 99 19.88 8.91 -38.90
C VAL B 99 20.67 9.42 -37.71
N PHE B 100 20.75 8.61 -36.66
CA PHE B 100 21.41 9.00 -35.44
C PHE B 100 22.82 8.45 -35.40
N GLY B 101 23.73 9.24 -34.86
CA GLY B 101 25.03 8.73 -34.51
C GLY B 101 24.98 7.85 -33.29
N GLY B 102 26.13 7.28 -32.96
CA GLY B 102 26.27 6.36 -31.83
C GLY B 102 26.36 6.98 -30.46
N GLY B 103 26.44 8.31 -30.39
CA GLY B 103 26.53 9.00 -29.11
C GLY B 103 27.96 9.19 -28.63
N THR B 104 28.16 10.31 -27.95
CA THR B 104 29.42 10.58 -27.25
C THR B 104 29.18 10.68 -25.76
N LYS B 105 29.88 9.84 -24.99
CA LYS B 105 29.85 9.91 -23.53
C LYS B 105 30.81 11.00 -23.07
N LEU B 106 30.26 12.10 -22.55
CA LEU B 106 31.05 13.23 -22.08
C LEU B 106 31.14 13.17 -20.57
N THR B 107 32.37 12.99 -20.06
CA THR B 107 32.69 13.11 -18.66
C THR B 107 33.15 14.52 -18.35
N VAL B 108 32.65 15.07 -17.24
CA VAL B 108 33.08 16.34 -16.70
C VAL B 108 33.64 16.07 -15.31
N LEU B 109 34.94 16.26 -15.14
CA LEU B 109 35.56 15.93 -13.85
C LEU B 109 35.27 17.05 -12.87
N GLY B 110 34.23 16.90 -12.08
CA GLY B 110 33.79 17.94 -11.18
C GLY B 110 34.17 17.74 -9.74
N GLN B 111 35.00 16.74 -9.46
CA GLN B 111 35.24 16.22 -8.13
C GLN B 111 36.70 15.82 -8.09
N PRO B 112 37.35 15.91 -6.93
CA PRO B 112 38.68 15.32 -6.82
C PRO B 112 38.60 13.81 -7.02
N LYS B 113 39.58 13.26 -7.73
CA LYS B 113 39.64 11.82 -7.93
C LYS B 113 39.79 11.11 -6.59
N ALA B 114 39.16 9.94 -6.47
CA ALA B 114 39.17 9.15 -5.25
C ALA B 114 39.14 7.68 -5.63
N ALA B 115 40.08 6.89 -5.09
CA ALA B 115 40.03 5.43 -5.20
C ALA B 115 39.07 4.82 -4.17
N PRO B 116 38.46 3.68 -4.48
CA PRO B 116 37.33 3.22 -3.66
C PRO B 116 37.75 2.59 -2.35
N SER B 117 36.78 2.57 -1.45
CA SER B 117 36.77 1.73 -0.28
C SER B 117 36.02 0.45 -0.68
N VAL B 118 36.60 -0.70 -0.39
CA VAL B 118 36.08 -1.98 -0.86
C VAL B 118 35.79 -2.86 0.34
N THR B 119 34.59 -3.45 0.35
CA THR B 119 34.18 -4.41 1.37
C THR B 119 33.74 -5.67 0.66
N LEU B 120 34.32 -6.81 1.01
CA LEU B 120 33.98 -8.08 0.38
C LEU B 120 33.22 -8.91 1.40
N PHE B 121 32.02 -9.28 1.04
CA PHE B 121 31.18 -10.13 1.88
C PHE B 121 31.20 -11.57 1.36
N PRO B 122 31.49 -12.52 2.23
CA PRO B 122 31.35 -13.95 1.86
C PRO B 122 29.88 -14.33 1.73
N PRO B 123 29.59 -15.50 1.17
CA PRO B 123 28.20 -15.99 1.21
C PRO B 123 27.72 -16.14 2.64
N SER B 124 26.47 -15.77 2.88
CA SER B 124 25.87 -15.97 4.17
C SER B 124 25.58 -17.46 4.41
N SER B 125 25.59 -17.86 5.69
CA SER B 125 25.31 -19.27 5.95
C SER B 125 23.89 -19.61 5.52
N GLU B 126 23.00 -18.62 5.51
CA GLU B 126 21.64 -18.89 5.08
C GLU B 126 21.58 -19.23 3.60
N GLU B 127 22.34 -18.50 2.79
CA GLU B 127 22.36 -18.78 1.36
C GLU B 127 22.98 -20.14 1.10
N LEU B 128 24.02 -20.50 1.84
CA LEU B 128 24.64 -21.79 1.65
C LEU B 128 23.64 -22.90 1.99
N GLN B 129 22.81 -22.67 2.99
CA GLN B 129 21.76 -23.65 3.30
C GLN B 129 20.72 -23.75 2.18
N ALA B 130 20.58 -22.72 1.34
CA ALA B 130 19.79 -22.79 0.12
C ALA B 130 20.54 -23.38 -1.06
N ASN B 131 21.73 -23.92 -0.81
CA ASN B 131 22.56 -24.61 -1.83
C ASN B 131 23.06 -23.61 -2.87
N LYS B 132 23.32 -22.39 -2.46
CA LYS B 132 23.88 -21.37 -3.37
C LYS B 132 24.99 -20.62 -2.62
N ALA B 133 25.80 -19.87 -3.35
CA ALA B 133 26.88 -19.06 -2.76
C ALA B 133 27.10 -17.83 -3.63
N THR B 134 26.99 -16.64 -3.07
CA THR B 134 27.31 -15.41 -3.77
C THR B 134 28.30 -14.62 -2.92
N LEU B 135 29.44 -14.32 -3.49
CA LEU B 135 30.34 -13.31 -2.93
C LEU B 135 29.92 -11.95 -3.44
N VAL B 136 29.93 -10.94 -2.55
CA VAL B 136 29.50 -9.59 -2.90
C VAL B 136 30.65 -8.62 -2.62
N CYS B 137 31.12 -7.98 -3.65
CA CYS B 137 32.20 -6.99 -3.57
C CYS B 137 31.62 -5.60 -3.68
N LEU B 138 31.60 -4.88 -2.54
CA LEU B 138 31.01 -3.55 -2.44
C LEU B 138 32.12 -2.55 -2.69
N ILE B 139 31.93 -1.69 -3.68
CA ILE B 139 32.98 -0.76 -4.13
C ILE B 139 32.44 0.66 -3.97
N SER B 140 32.92 1.39 -2.96
CA SER B 140 32.24 2.63 -2.58
C SER B 140 33.16 3.86 -2.66
N ASP B 141 32.54 4.99 -2.98
CA ASP B 141 33.11 6.33 -2.76
C ASP B 141 34.31 6.60 -3.67
N PHE B 142 34.16 6.29 -4.96
CA PHE B 142 35.22 6.52 -5.90
C PHE B 142 34.83 7.54 -6.97
N TYR B 143 35.86 8.11 -7.58
CA TYR B 143 35.66 9.11 -8.62
C TYR B 143 36.90 9.20 -9.48
N PRO B 144 36.79 9.31 -10.81
CA PRO B 144 35.57 9.28 -11.62
C PRO B 144 34.89 7.90 -11.58
N GLY B 145 33.76 7.78 -12.28
CA GLY B 145 32.90 6.60 -12.21
C GLY B 145 33.36 5.50 -13.14
N ALA B 146 34.59 5.01 -12.92
CA ALA B 146 35.15 3.87 -13.64
C ALA B 146 36.07 3.06 -12.73
N VAL B 147 35.85 1.75 -12.66
CA VAL B 147 36.75 0.83 -11.96
C VAL B 147 36.81 -0.44 -12.80
N THR B 148 37.88 -1.21 -12.58
CA THR B 148 38.00 -2.55 -13.11
C THR B 148 37.97 -3.53 -11.95
N VAL B 149 37.21 -4.61 -12.10
CA VAL B 149 37.06 -5.62 -11.05
C VAL B 149 37.54 -6.95 -11.61
N ALA B 150 38.30 -7.66 -10.81
CA ALA B 150 38.76 -8.99 -11.13
C ALA B 150 38.60 -9.86 -9.90
N TRP B 151 38.22 -11.11 -10.12
CA TRP B 151 38.03 -12.07 -9.07
C TRP B 151 39.09 -13.17 -9.18
N LYS B 152 39.52 -13.68 -8.04
CA LYS B 152 40.38 -14.87 -7.97
C LYS B 152 39.84 -15.91 -7.00
N ALA B 153 40.03 -17.16 -7.40
CA ALA B 153 39.83 -18.34 -6.58
C ALA B 153 41.22 -18.74 -6.11
N ASP B 154 41.49 -18.52 -4.83
CA ASP B 154 42.86 -18.56 -4.32
C ASP B 154 43.67 -17.54 -5.12
N SER B 155 44.69 -17.93 -5.87
CA SER B 155 45.51 -16.98 -6.60
C SER B 155 45.29 -17.06 -8.10
N SER B 156 44.20 -17.71 -8.55
CA SER B 156 43.89 -17.90 -9.95
C SER B 156 42.68 -17.08 -10.39
N PRO B 157 42.68 -16.56 -11.62
CA PRO B 157 41.55 -15.71 -12.06
C PRO B 157 40.30 -16.54 -12.26
N VAL B 158 39.16 -15.93 -11.96
CA VAL B 158 37.86 -16.54 -12.28
C VAL B 158 37.03 -15.48 -12.99
N LYS B 159 36.48 -15.84 -14.16
CA LYS B 159 35.65 -14.94 -14.94
C LYS B 159 34.20 -15.39 -15.00
N ALA B 160 33.95 -16.68 -14.96
CA ALA B 160 32.60 -17.19 -15.04
C ALA B 160 31.80 -16.84 -13.77
N GLY B 161 30.52 -16.53 -13.95
CA GLY B 161 29.66 -16.24 -12.82
C GLY B 161 29.82 -14.87 -12.18
N VAL B 162 30.44 -13.91 -12.90
CA VAL B 162 30.67 -12.56 -12.41
C VAL B 162 29.68 -11.60 -13.07
N GLU B 163 29.06 -10.74 -12.27
CA GLU B 163 28.30 -9.59 -12.74
C GLU B 163 28.62 -8.37 -11.89
N THR B 164 28.93 -7.26 -12.55
CA THR B 164 29.23 -5.99 -11.87
C THR B 164 28.22 -4.95 -12.31
N THR B 165 27.76 -4.12 -11.39
CA THR B 165 26.84 -3.01 -11.71
C THR B 165 27.61 -1.93 -12.44
N THR B 166 26.94 -1.13 -13.26
CA THR B 166 27.57 0.07 -13.86
C THR B 166 27.62 1.09 -12.73
N PRO B 167 28.71 1.85 -12.55
CA PRO B 167 28.79 2.76 -11.41
C PRO B 167 27.56 3.64 -11.26
N SER B 168 27.18 3.87 -10.00
CA SER B 168 26.00 4.64 -9.66
C SER B 168 26.38 5.74 -8.68
N LYS B 169 25.74 6.89 -8.84
CA LYS B 169 26.12 8.06 -8.08
C LYS B 169 25.59 7.96 -6.65
N GLN B 170 26.47 8.21 -5.69
CA GLN B 170 26.09 8.33 -4.30
C GLN B 170 25.51 9.72 -4.06
N SER B 171 24.90 9.90 -2.88
CA SER B 171 24.36 11.21 -2.54
C SER B 171 25.47 12.25 -2.34
N ASN B 172 26.73 11.84 -2.19
CA ASN B 172 27.82 12.80 -2.16
C ASN B 172 28.49 12.99 -3.52
N ASN B 173 27.86 12.53 -4.60
CA ASN B 173 28.30 12.71 -5.99
C ASN B 173 29.53 11.89 -6.36
N LYS B 174 30.08 11.11 -5.43
CA LYS B 174 31.03 10.08 -5.78
C LYS B 174 30.23 8.87 -6.25
N TYR B 175 30.91 7.81 -6.67
CA TYR B 175 30.27 6.65 -7.27
C TYR B 175 30.47 5.42 -6.39
N ALA B 176 29.54 4.48 -6.54
CA ALA B 176 29.62 3.15 -5.97
C ALA B 176 29.28 2.13 -7.05
N ALA B 177 29.74 0.90 -6.83
CA ALA B 177 29.45 -0.21 -7.74
C ALA B 177 29.46 -1.49 -6.90
N SER B 178 28.83 -2.54 -7.39
CA SER B 178 28.88 -3.84 -6.68
CA SER B 178 28.84 -3.84 -6.69
C SER B 178 29.17 -4.96 -7.69
N SER B 179 30.04 -5.87 -7.31
CA SER B 179 30.37 -7.03 -8.17
C SER B 179 29.92 -8.30 -7.46
N TYR B 180 29.47 -9.28 -8.19
CA TYR B 180 28.91 -10.51 -7.64
C TYR B 180 29.62 -11.69 -8.28
N LEU B 181 30.12 -12.60 -7.46
CA LEU B 181 30.63 -13.87 -7.94
C LEU B 181 29.71 -14.99 -7.43
N SER B 182 29.12 -15.73 -8.36
CA SER B 182 28.27 -16.87 -8.03
C SER B 182 29.11 -18.14 -8.06
N LEU B 183 29.03 -18.92 -6.99
CA LEU B 183 29.72 -20.19 -6.85
C LEU B 183 28.75 -21.25 -6.37
N THR B 184 29.15 -22.50 -6.47
CA THR B 184 28.46 -23.54 -5.72
C THR B 184 28.99 -23.56 -4.31
N PRO B 185 28.20 -24.05 -3.34
CA PRO B 185 28.77 -24.30 -1.99
C PRO B 185 30.04 -25.13 -2.02
N GLU B 186 30.13 -26.15 -2.89
CA GLU B 186 31.35 -26.94 -3.03
C GLU B 186 32.55 -26.07 -3.34
N GLN B 187 32.45 -25.28 -4.41
CA GLN B 187 33.56 -24.39 -4.80
C GLN B 187 33.97 -23.48 -3.66
N TRP B 188 33.00 -22.90 -2.96
CA TRP B 188 33.31 -21.98 -1.87
C TRP B 188 34.09 -22.68 -0.77
N LYS B 189 33.67 -23.88 -0.40
CA LYS B 189 34.31 -24.59 0.71
C LYS B 189 35.65 -25.19 0.31
N SER B 190 35.89 -25.39 -1.00
CA SER B 190 37.03 -26.16 -1.50
C SER B 190 38.27 -25.33 -1.80
N HIS B 191 38.19 -24.00 -1.74
CA HIS B 191 39.38 -23.16 -1.85
C HIS B 191 39.74 -22.58 -0.49
N ARG B 192 40.99 -22.15 -0.36
CA ARG B 192 41.37 -21.45 0.87
C ARG B 192 40.78 -20.06 0.90
N SER B 193 40.66 -19.41 -0.25
CA SER B 193 40.24 -18.02 -0.24
C SER B 193 39.73 -17.64 -1.62
N TYR B 194 38.90 -16.60 -1.64
CA TYR B 194 38.48 -15.90 -2.86
C TYR B 194 38.80 -14.43 -2.65
N SER B 195 39.17 -13.75 -3.74
CA SER B 195 39.49 -12.35 -3.70
C SER B 195 38.74 -11.55 -4.76
N CYS B 196 38.48 -10.29 -4.42
CA CYS B 196 37.98 -9.27 -5.32
C CYS B 196 39.05 -8.18 -5.40
N GLN B 197 39.57 -7.98 -6.59
CA GLN B 197 40.60 -6.99 -6.87
C GLN B 197 39.98 -5.83 -7.65
N VAL B 198 40.04 -4.64 -7.07
CA VAL B 198 39.47 -3.44 -7.68
C VAL B 198 40.61 -2.50 -8.06
N THR B 199 40.65 -2.15 -9.33
CA THR B 199 41.65 -1.26 -9.90
C THR B 199 41.01 0.06 -10.29
N HIS B 200 41.62 1.13 -9.79
CA HIS B 200 41.23 2.50 -10.06
C HIS B 200 42.53 3.22 -10.40
N GLU B 201 42.43 4.36 -11.07
CA GLU B 201 43.67 5.01 -11.51
C GLU B 201 44.60 5.30 -10.35
N GLY B 202 44.06 5.59 -9.16
CA GLY B 202 44.87 5.97 -8.03
C GLY B 202 45.33 4.84 -7.13
N SER B 203 44.76 3.65 -7.26
CA SER B 203 45.09 2.57 -6.35
C SER B 203 44.48 1.28 -6.86
N THR B 204 45.16 0.17 -6.57
CA THR B 204 44.60 -1.17 -6.66
C THR B 204 44.49 -1.72 -5.26
N VAL B 205 43.31 -2.27 -4.92
CA VAL B 205 43.11 -2.89 -3.62
C VAL B 205 42.50 -4.26 -3.89
N GLU B 206 42.94 -5.23 -3.11
CA GLU B 206 42.41 -6.58 -3.12
C GLU B 206 41.88 -6.92 -1.74
N LYS B 207 40.64 -7.38 -1.70
CA LYS B 207 40.08 -7.89 -0.47
C LYS B 207 39.86 -9.38 -0.63
N THR B 208 39.98 -10.10 0.48
CA THR B 208 39.95 -11.54 0.47
C THR B 208 39.06 -12.07 1.58
N VAL B 209 38.32 -13.12 1.27
CA VAL B 209 37.41 -13.80 2.24
C VAL B 209 37.73 -15.29 2.15
N ALA B 210 37.51 -16.03 3.23
CA ALA B 210 37.77 -17.47 3.25
C ALA B 210 36.60 -18.17 3.96
N PRO B 211 36.28 -19.41 3.59
CA PRO B 211 35.12 -20.09 4.14
C PRO B 211 35.27 -20.36 5.65
N THR B 212 36.49 -20.36 6.16
CA THR B 212 36.75 -20.62 7.60
C THR B 212 36.20 -19.46 8.44
N VAL C 2 -21.47 3.40 42.50
CA VAL C 2 -20.33 2.59 42.07
C VAL C 2 -19.95 2.98 40.65
N GLN C 3 -18.66 3.23 40.42
CA GLN C 3 -18.23 3.42 39.03
C GLN C 3 -16.82 2.88 38.86
N LEU C 4 -16.62 2.17 37.76
CA LEU C 4 -15.30 1.76 37.31
C LEU C 4 -15.01 2.60 36.07
N GLN C 5 -14.07 3.54 36.17
CA GLN C 5 -13.83 4.51 35.13
C GLN C 5 -12.54 4.15 34.38
N GLN C 6 -12.69 3.78 33.13
CA GLN C 6 -11.56 3.37 32.31
C GLN C 6 -11.01 4.55 31.56
N SER C 7 -9.74 4.44 31.20
CA SER C 7 -9.10 5.45 30.38
C SER C 7 -9.71 5.45 28.97
N GLY C 8 -9.39 6.52 28.23
CA GLY C 8 -10.10 6.84 27.01
C GLY C 8 -9.56 6.07 25.83
N PRO C 9 -10.13 6.32 24.65
CA PRO C 9 -9.81 5.48 23.51
C PRO C 9 -8.37 5.66 23.06
N GLU C 10 -7.85 4.61 22.45
CA GLU C 10 -6.46 4.54 22.06
C GLU C 10 -6.38 4.24 20.58
N LEU C 11 -5.46 4.92 19.91
CA LEU C 11 -5.22 4.72 18.49
C LEU C 11 -3.72 4.75 18.29
N VAL C 12 -3.16 3.63 17.83
CA VAL C 12 -1.73 3.42 17.82
C VAL C 12 -1.35 2.59 16.61
N LYS C 13 -0.04 2.62 16.27
CA LYS C 13 0.55 1.87 15.17
C LYS C 13 0.95 0.47 15.62
N PRO C 14 1.00 -0.48 14.69
CA PRO C 14 1.51 -1.80 15.02
C PRO C 14 2.89 -1.71 15.67
N GLY C 15 3.15 -2.59 16.62
CA GLY C 15 4.40 -2.63 17.32
C GLY C 15 4.43 -1.81 18.59
N SER C 16 3.46 -0.92 18.78
CA SER C 16 3.49 -0.05 19.95
C SER C 16 2.90 -0.78 21.16
N SER C 17 2.74 -0.06 22.26
CA SER C 17 2.19 -0.56 23.51
C SER C 17 1.20 0.46 24.04
N VAL C 18 0.23 -0.04 24.80
CA VAL C 18 -0.73 0.86 25.44
C VAL C 18 -0.87 0.39 26.86
N LYS C 19 -1.27 1.32 27.73
CA LYS C 19 -1.59 1.03 29.12
C LYS C 19 -3.00 1.54 29.36
N ILE C 20 -3.90 0.63 29.74
CA ILE C 20 -5.29 0.98 30.02
C ILE C 20 -5.48 1.02 31.52
N SER C 21 -6.13 2.05 32.02
CA SER C 21 -6.41 2.17 33.44
C SER C 21 -7.90 2.01 33.75
N CYS C 22 -8.14 1.66 35.01
CA CYS C 22 -9.50 1.38 35.48
C CYS C 22 -9.57 1.73 36.97
N LYS C 23 -10.19 2.86 37.28
CA LYS C 23 -10.28 3.37 38.64
C LYS C 23 -11.65 3.07 39.22
N GLY C 24 -11.65 2.44 40.39
CA GLY C 24 -12.91 2.14 41.08
C GLY C 24 -13.24 3.22 42.10
N SER C 25 -14.52 3.55 42.18
CA SER C 25 -15.01 4.42 43.25
C SER C 25 -16.42 3.99 43.64
N GLY C 26 -16.80 4.31 44.87
CA GLY C 26 -18.14 4.02 45.33
C GLY C 26 -18.34 2.63 45.88
N TYR C 27 -17.26 1.88 46.08
CA TYR C 27 -17.29 0.57 46.70
C TYR C 27 -15.93 0.31 47.33
N THR C 28 -15.87 -0.72 48.16
CA THR C 28 -14.61 -1.08 48.81
C THR C 28 -13.77 -1.80 47.77
N PHE C 29 -12.80 -1.06 47.21
CA PHE C 29 -11.95 -1.58 46.15
C PHE C 29 -11.29 -2.89 46.54
N THR C 30 -10.85 -3.01 47.80
CA THR C 30 -10.08 -4.18 48.18
C THR C 30 -10.94 -5.40 48.41
N ASP C 31 -12.25 -5.25 48.35
CA ASP C 31 -13.16 -6.39 48.48
C ASP C 31 -13.33 -7.13 47.17
N TYR C 32 -12.81 -6.58 46.06
CA TYR C 32 -13.02 -7.07 44.72
C TYR C 32 -11.70 -7.35 44.00
N ASN C 33 -11.68 -8.44 43.23
CA ASN C 33 -10.63 -8.62 42.23
C ASN C 33 -11.03 -7.93 40.95
N MET C 34 -10.03 -7.58 40.13
CA MET C 34 -10.32 -6.84 38.91
C MET C 34 -10.02 -7.80 37.75
N GLU C 35 -11.09 -8.27 37.13
CA GLU C 35 -11.02 -9.04 35.88
C GLU C 35 -10.86 -8.12 34.70
N TRP C 36 -10.24 -8.64 33.65
CA TRP C 36 -10.13 -7.93 32.39
C TRP C 36 -10.64 -8.83 31.27
N VAL C 37 -11.32 -8.22 30.28
CA VAL C 37 -12.01 -8.91 29.19
C VAL C 37 -11.81 -8.15 27.89
N LYS C 38 -11.59 -8.92 26.79
CA LYS C 38 -11.45 -8.40 25.44
C LYS C 38 -12.74 -8.70 24.69
N GLN C 39 -13.26 -7.71 23.99
CA GLN C 39 -14.36 -7.92 23.04
C GLN C 39 -13.93 -7.52 21.64
N SER C 40 -13.86 -8.50 20.75
CA SER C 40 -13.43 -8.22 19.38
C SER C 40 -14.46 -8.71 18.39
N HIS C 41 -14.30 -8.25 17.15
CA HIS C 41 -15.17 -8.74 16.07
C HIS C 41 -14.87 -10.19 15.75
N GLY C 42 -13.58 -10.58 15.79
CA GLY C 42 -13.19 -11.91 15.37
C GLY C 42 -13.34 -13.02 16.40
N LYS C 43 -13.35 -12.69 17.71
CA LYS C 43 -13.33 -13.69 18.77
C LYS C 43 -14.35 -13.43 19.88
N SER C 44 -15.24 -12.45 19.69
CA SER C 44 -16.29 -12.03 20.66
C SER C 44 -15.64 -11.79 22.02
N LEU C 45 -16.22 -12.27 23.12
CA LEU C 45 -15.67 -12.01 24.46
C LEU C 45 -14.63 -13.05 24.84
N GLU C 46 -13.45 -12.58 25.25
CA GLU C 46 -12.42 -13.43 25.81
C GLU C 46 -11.99 -12.90 27.16
N TRP C 47 -11.81 -13.80 28.13
CA TRP C 47 -11.24 -13.43 29.43
C TRP C 47 -9.72 -13.30 29.31
N ILE C 48 -9.17 -12.23 29.85
CA ILE C 48 -7.74 -11.97 29.75
C ILE C 48 -7.02 -12.42 31.00
N GLY C 49 -7.49 -11.96 32.15
CA GLY C 49 -6.96 -12.39 33.42
C GLY C 49 -7.57 -11.61 34.56
N VAL C 50 -6.96 -11.75 35.74
CA VAL C 50 -7.47 -11.10 36.93
C VAL C 50 -6.31 -10.77 37.86
N ILE C 51 -6.47 -9.69 38.59
CA ILE C 51 -5.53 -9.35 39.66
C ILE C 51 -6.26 -9.06 40.95
N ASN C 52 -5.62 -9.43 42.06
CA ASN C 52 -6.13 -9.10 43.39
C ASN C 52 -5.46 -7.82 43.88
N PRO C 53 -6.22 -6.78 44.27
CA PRO C 53 -5.60 -5.51 44.70
C PRO C 53 -4.86 -5.61 46.03
N ASN C 54 -5.15 -6.62 46.85
CA ASN C 54 -4.54 -6.70 48.17
C ASN C 54 -3.12 -7.23 48.14
N ASN C 55 -2.83 -8.16 47.25
CA ASN C 55 -1.53 -8.85 47.25
C ASN C 55 -0.88 -8.90 45.87
N ARG C 56 -1.49 -8.29 44.85
CA ARG C 56 -0.94 -8.23 43.47
C ARG C 56 -0.87 -9.63 42.84
N PHE C 57 -1.60 -10.60 43.38
CA PHE C 57 -1.65 -11.96 42.80
C PHE C 57 -2.37 -11.88 41.46
N THR C 58 -1.97 -12.65 40.46
CA THR C 58 -2.55 -12.59 39.11
C THR C 58 -2.82 -13.99 38.58
N SER C 59 -3.80 -14.09 37.69
CA SER C 59 -4.02 -15.27 36.88
CA SER C 59 -4.04 -15.28 36.88
C SER C 59 -4.29 -14.80 35.46
N TYR C 60 -3.81 -15.55 34.48
CA TYR C 60 -3.94 -15.17 33.07
C TYR C 60 -4.51 -16.32 32.23
N ASN C 61 -5.31 -15.95 31.25
CA ASN C 61 -5.60 -16.82 30.11
C ASN C 61 -4.29 -17.00 29.35
N GLN C 62 -3.86 -18.25 29.19
CA GLN C 62 -2.61 -18.61 28.51
C GLN C 62 -2.42 -17.81 27.23
N ASN C 63 -3.51 -17.62 26.48
CA ASN C 63 -3.42 -16.95 25.19
C ASN C 63 -3.02 -15.49 25.28
N PHE C 64 -3.06 -14.87 26.46
CA PHE C 64 -2.64 -13.47 26.60
C PHE C 64 -1.31 -13.30 27.32
N ARG C 65 -0.65 -14.40 27.67
CA ARG C 65 0.68 -14.31 28.27
C ARG C 65 1.61 -13.71 27.23
N GLY C 66 2.40 -12.72 27.63
CA GLY C 66 3.23 -12.03 26.66
C GLY C 66 2.51 -11.06 25.75
N LYS C 67 1.19 -10.92 25.88
CA LYS C 67 0.44 -9.79 25.35
C LYS C 67 0.03 -8.82 26.44
N ALA C 68 -0.59 -9.31 27.51
CA ALA C 68 -1.12 -8.46 28.56
C ALA C 68 -0.38 -8.62 29.88
N THR C 69 -0.25 -7.50 30.59
CA THR C 69 0.38 -7.49 31.91
C THR C 69 -0.50 -6.68 32.86
N LEU C 70 -0.89 -7.30 33.96
CA LEU C 70 -1.80 -6.69 34.92
C LEU C 70 -1.04 -6.15 36.11
N THR C 71 -1.34 -4.91 36.49
CA THR C 71 -0.81 -4.33 37.71
C THR C 71 -1.92 -3.57 38.42
N VAL C 72 -1.63 -3.14 39.65
CA VAL C 72 -2.65 -2.46 40.46
C VAL C 72 -1.96 -1.58 41.48
N ASP C 73 -2.57 -0.42 41.70
CA ASP C 73 -2.14 0.55 42.72
C ASP C 73 -3.32 0.72 43.67
N LYS C 74 -3.34 -0.12 44.71
CA LYS C 74 -4.48 -0.09 45.64
C LYS C 74 -4.64 1.28 46.26
N SER C 75 -3.54 2.00 46.46
CA SER C 75 -3.61 3.30 47.11
C SER C 75 -4.44 4.29 46.29
N SER C 76 -4.48 4.15 44.97
CA SER C 76 -5.30 5.02 44.14
C SER C 76 -6.53 4.29 43.60
N SER C 77 -6.76 3.06 44.04
CA SER C 77 -7.94 2.30 43.63
C SER C 77 -7.95 2.13 42.11
N THR C 78 -6.77 1.92 41.52
CA THR C 78 -6.66 1.83 40.07
C THR C 78 -5.94 0.55 39.68
N ALA C 79 -6.56 -0.21 38.77
CA ALA C 79 -5.92 -1.34 38.11
C ALA C 79 -5.48 -0.91 36.71
N TYR C 80 -4.42 -1.55 36.21
CA TYR C 80 -3.88 -1.20 34.91
C TYR C 80 -3.64 -2.44 34.09
N MET C 81 -3.76 -2.34 32.77
CA MET C 81 -3.41 -3.49 31.89
C MET C 81 -2.53 -2.99 30.76
N ASP C 82 -1.33 -3.52 30.61
CA ASP C 82 -0.40 -3.13 29.53
C ASP C 82 -0.49 -4.14 28.39
N LEU C 83 -0.76 -3.68 27.18
CA LEU C 83 -0.81 -4.54 25.98
C LEU C 83 0.41 -4.16 25.15
N ARG C 84 1.17 -5.13 24.69
CA ARG C 84 2.44 -4.86 24.03
C ARG C 84 2.49 -5.52 22.66
N SER C 85 3.49 -5.11 21.87
CA SER C 85 3.70 -5.62 20.52
C SER C 85 2.41 -5.66 19.71
N LEU C 86 1.75 -4.52 19.64
CA LEU C 86 0.36 -4.51 19.19
C LEU C 86 0.26 -4.80 17.69
N THR C 87 -0.84 -5.47 17.33
CA THR C 87 -1.18 -5.76 15.95
C THR C 87 -2.66 -5.49 15.76
N SER C 88 -3.11 -5.56 14.50
CA SER C 88 -4.53 -5.38 14.22
C SER C 88 -5.39 -6.34 15.01
N GLU C 89 -4.83 -7.51 15.38
CA GLU C 89 -5.61 -8.49 16.14
C GLU C 89 -5.95 -7.99 17.54
N ASP C 90 -5.23 -7.01 18.03
CA ASP C 90 -5.48 -6.45 19.36
C ASP C 90 -6.53 -5.34 19.30
N SER C 91 -7.00 -4.97 18.12
CA SER C 91 -8.08 -3.98 18.02
C SER C 91 -9.36 -4.56 18.60
N ALA C 92 -9.88 -3.92 19.62
CA ALA C 92 -10.97 -4.47 20.40
C ALA C 92 -11.44 -3.39 21.38
N VAL C 93 -12.53 -3.69 22.08
CA VAL C 93 -12.92 -2.96 23.27
C VAL C 93 -12.50 -3.81 24.48
N TYR C 94 -11.79 -3.19 25.41
CA TYR C 94 -11.27 -3.86 26.60
C TYR C 94 -12.04 -3.37 27.82
N PHE C 95 -12.45 -4.31 28.68
CA PHE C 95 -13.25 -4.02 29.85
C PHE C 95 -12.52 -4.49 31.09
N CYS C 96 -12.63 -3.71 32.16
CA CYS C 96 -12.35 -4.17 33.52
C CYS C 96 -13.68 -4.42 34.21
N ALA C 97 -13.66 -5.32 35.17
CA ALA C 97 -14.83 -5.72 35.92
C ALA C 97 -14.40 -6.15 37.31
N GLY C 98 -15.17 -5.72 38.31
CA GLY C 98 -14.90 -6.11 39.68
C GLY C 98 -15.66 -7.35 40.07
N SER C 99 -14.95 -8.36 40.56
CA SER C 99 -15.61 -9.60 40.93
C SER C 99 -15.38 -9.92 42.41
N ARG C 100 -16.29 -10.72 42.95
CA ARG C 100 -16.21 -11.13 44.34
C ARG C 100 -17.07 -12.35 44.49
N TRP C 101 -16.60 -13.36 45.22
CA TRP C 101 -17.38 -14.58 45.39
C TRP C 101 -17.84 -15.13 44.04
N TYR C 102 -16.92 -15.12 43.07
CA TYR C 102 -17.13 -15.70 41.74
C TYR C 102 -18.28 -15.04 40.98
N GLN C 103 -18.43 -13.74 41.19
CA GLN C 103 -19.51 -12.96 40.57
C GLN C 103 -18.97 -11.63 40.06
N TYR C 104 -19.22 -11.38 38.78
CA TYR C 104 -18.93 -10.11 38.13
C TYR C 104 -20.03 -9.13 38.55
N ASP C 105 -19.72 -8.30 39.53
CA ASP C 105 -20.69 -7.36 40.06
C ASP C 105 -20.69 -6.04 39.31
N TYR C 106 -19.52 -5.50 38.94
CA TYR C 106 -19.40 -4.16 38.37
C TYR C 106 -18.52 -4.19 37.14
N TRP C 107 -18.88 -3.40 36.12
CA TRP C 107 -18.15 -3.34 34.86
C TRP C 107 -17.73 -1.91 34.54
N GLY C 108 -16.50 -1.77 34.06
CA GLY C 108 -16.06 -0.51 33.47
C GLY C 108 -16.80 -0.19 32.19
N GLN C 109 -16.65 1.04 31.70
CA GLN C 109 -17.38 1.42 30.50
C GLN C 109 -16.72 0.93 29.23
N GLY C 110 -15.55 0.30 29.33
CA GLY C 110 -14.87 -0.13 28.12
C GLY C 110 -13.89 0.91 27.60
N THR C 111 -12.82 0.40 27.00
CA THR C 111 -11.79 1.21 26.37
C THR C 111 -11.57 0.66 24.96
N THR C 112 -11.78 1.51 23.94
CA THR C 112 -11.58 1.07 22.57
C THR C 112 -10.11 1.21 22.17
N LEU C 113 -9.52 0.14 21.64
CA LEU C 113 -8.17 0.15 21.10
C LEU C 113 -8.26 -0.07 19.59
N THR C 114 -7.68 0.85 18.84
CA THR C 114 -7.53 0.74 17.39
C THR C 114 -6.05 0.65 17.06
N VAL C 115 -5.64 -0.46 16.47
CA VAL C 115 -4.29 -0.65 15.97
C VAL C 115 -4.36 -0.63 14.46
N SER C 116 -3.63 0.31 13.85
CA SER C 116 -3.63 0.53 12.42
C SER C 116 -2.36 1.25 11.99
N SER C 117 -1.86 0.89 10.82
CA SER C 117 -0.78 1.63 10.18
C SER C 117 -1.28 2.86 9.38
N ALA C 118 -2.59 3.08 9.28
CA ALA C 118 -3.10 4.23 8.54
C ALA C 118 -2.74 5.57 9.20
N SER C 119 -2.51 6.57 8.34
CA SER C 119 -2.34 7.97 8.74
C SER C 119 -3.70 8.64 8.73
N THR C 120 -3.84 9.66 9.56
CA THR C 120 -4.99 10.55 9.52
C THR C 120 -5.26 11.01 8.10
N LYS C 121 -6.51 10.92 7.69
CA LYS C 121 -6.94 11.28 6.34
C LYS C 121 -8.37 11.80 6.37
N GLY C 122 -8.61 12.93 5.70
CA GLY C 122 -9.93 13.49 5.60
C GLY C 122 -10.74 12.79 4.52
N PRO C 123 -12.07 12.90 4.59
CA PRO C 123 -12.91 12.16 3.66
C PRO C 123 -13.07 12.86 2.32
N SER C 124 -13.47 12.05 1.35
CA SER C 124 -14.04 12.50 0.08
C SER C 124 -15.54 12.29 0.11
N VAL C 125 -16.30 13.32 -0.21
CA VAL C 125 -17.76 13.31 -0.08
C VAL C 125 -18.39 13.35 -1.47
N PHE C 126 -19.31 12.41 -1.72
CA PHE C 126 -19.96 12.29 -3.01
C PHE C 126 -21.46 12.37 -2.82
N PRO C 127 -22.18 12.99 -3.74
CA PRO C 127 -23.65 13.07 -3.61
C PRO C 127 -24.31 11.73 -3.87
N LEU C 128 -25.40 11.50 -3.16
CA LEU C 128 -26.31 10.40 -3.43
C LEU C 128 -27.60 11.07 -3.92
N ALA C 129 -27.68 11.25 -5.24
CA ALA C 129 -28.66 12.13 -5.82
C ALA C 129 -29.97 11.39 -6.06
N PRO C 130 -31.11 12.04 -5.77
CA PRO C 130 -32.41 11.43 -6.03
C PRO C 130 -32.81 11.53 -7.49
N GLY C 137 -42.51 6.92 -1.14
CA GLY C 137 -43.50 6.86 -2.20
C GLY C 137 -43.71 8.21 -2.85
N GLY C 138 -44.09 9.19 -2.04
CA GLY C 138 -44.10 10.59 -2.46
C GLY C 138 -42.93 11.30 -1.80
N THR C 139 -42.23 10.55 -0.96
CA THR C 139 -40.96 10.97 -0.39
C THR C 139 -39.83 10.46 -1.25
N ALA C 140 -38.70 11.19 -1.23
CA ALA C 140 -37.51 10.83 -1.99
C ALA C 140 -36.34 10.82 -1.01
N ALA C 141 -35.44 9.86 -1.17
CA ALA C 141 -34.23 9.80 -0.36
C ALA C 141 -33.08 10.43 -1.14
N LEU C 142 -32.28 11.24 -0.44
CA LEU C 142 -31.02 11.78 -0.96
C LEU C 142 -30.02 11.76 0.19
N GLY C 143 -28.74 11.83 -0.16
CA GLY C 143 -27.77 11.71 0.89
C GLY C 143 -26.40 12.09 0.42
N CYS C 144 -25.41 11.76 1.25
CA CYS C 144 -23.99 11.95 0.95
CA CYS C 144 -24.04 11.86 0.79
C CYS C 144 -23.22 10.71 1.37
N LEU C 145 -22.29 10.31 0.54
CA LEU C 145 -21.40 9.19 0.75
C LEU C 145 -20.08 9.77 1.18
N VAL C 146 -19.62 9.38 2.35
CA VAL C 146 -18.42 9.90 2.97
C VAL C 146 -17.39 8.79 2.94
N LYS C 147 -16.38 8.93 2.06
CA LYS C 147 -15.45 7.85 1.77
C LYS C 147 -14.03 8.12 2.28
N ASP C 148 -13.38 7.04 2.70
CA ASP C 148 -11.93 6.95 2.84
C ASP C 148 -11.38 7.97 3.82
N TYR C 149 -11.86 7.90 5.06
CA TYR C 149 -11.31 8.75 6.09
C TYR C 149 -10.75 7.87 7.20
N PHE C 150 -9.91 8.49 8.03
CA PHE C 150 -9.26 7.82 9.14
C PHE C 150 -8.74 8.85 10.12
N PRO C 151 -8.87 8.63 11.42
CA PRO C 151 -9.62 7.55 12.10
C PRO C 151 -11.09 7.93 12.22
N GLU C 152 -11.94 7.15 12.90
CA GLU C 152 -13.26 7.64 13.23
C GLU C 152 -13.11 8.76 14.26
N PRO C 153 -14.13 9.61 14.43
CA PRO C 153 -15.42 9.65 13.77
C PRO C 153 -15.55 10.82 12.81
N VAL C 154 -16.58 10.67 11.99
CA VAL C 154 -17.12 11.74 11.16
C VAL C 154 -18.49 12.02 11.70
N THR C 155 -18.88 13.29 11.71
CA THR C 155 -20.27 13.63 12.00
C THR C 155 -20.82 14.38 10.80
N VAL C 156 -22.13 14.27 10.60
CA VAL C 156 -22.76 14.85 9.44
C VAL C 156 -24.00 15.59 9.89
N SER C 157 -24.16 16.80 9.38
CA SER C 157 -25.40 17.55 9.52
C SER C 157 -25.88 17.97 8.14
N TRP C 158 -27.11 18.46 8.08
CA TRP C 158 -27.71 18.90 6.82
C TRP C 158 -28.15 20.35 6.96
N ASN C 159 -27.84 21.14 5.92
CA ASN C 159 -28.10 22.59 5.90
C ASN C 159 -27.66 23.24 7.20
N SER C 160 -26.45 22.87 7.62
CA SER C 160 -25.81 23.48 8.78
C SER C 160 -26.66 23.32 10.04
N GLY C 161 -27.44 22.23 10.12
CA GLY C 161 -28.25 21.93 11.27
C GLY C 161 -29.69 22.37 11.18
N ALA C 162 -30.07 23.06 10.11
CA ALA C 162 -31.47 23.52 9.90
C ALA C 162 -32.36 22.34 9.50
N LEU C 163 -31.79 21.28 8.90
CA LEU C 163 -32.56 20.08 8.45
C LEU C 163 -32.25 18.90 9.35
N THR C 164 -33.23 18.49 10.16
CA THR C 164 -33.04 17.40 11.14
C THR C 164 -34.05 16.28 10.88
N SER C 165 -35.23 16.62 10.34
CA SER C 165 -36.26 15.61 10.14
C SER C 165 -35.90 14.69 8.99
N GLY C 166 -36.09 13.39 9.19
CA GLY C 166 -35.80 12.43 8.15
C GLY C 166 -34.33 12.16 7.95
N VAL C 167 -33.45 12.74 8.77
CA VAL C 167 -32.01 12.55 8.64
C VAL C 167 -31.64 11.28 9.37
N HIS C 168 -30.88 10.41 8.72
CA HIS C 168 -30.23 9.30 9.40
C HIS C 168 -28.80 9.18 8.93
N THR C 169 -27.86 9.15 9.87
CA THR C 169 -26.45 8.93 9.57
C THR C 169 -26.04 7.56 10.05
N PHE C 170 -25.54 6.74 9.14
CA PHE C 170 -25.27 5.34 9.43
C PHE C 170 -23.96 5.12 10.15
N PRO C 171 -23.81 3.97 10.79
CA PRO C 171 -22.49 3.59 11.31
C PRO C 171 -21.49 3.47 10.17
N ALA C 172 -20.22 3.63 10.50
CA ALA C 172 -19.18 3.50 9.51
C ALA C 172 -18.87 2.03 9.22
N VAL C 173 -18.45 1.78 8.01
CA VAL C 173 -17.83 0.51 7.62
C VAL C 173 -16.34 0.74 7.51
N LEU C 174 -15.57 -0.28 7.87
CA LEU C 174 -14.12 -0.27 7.73
C LEU C 174 -13.75 -1.10 6.51
N GLN C 175 -13.16 -0.43 5.51
CA GLN C 175 -12.81 -1.03 4.24
C GLN C 175 -11.50 -1.79 4.34
N SER C 176 -11.24 -2.64 3.35
CA SER C 176 -9.99 -3.39 3.31
C SER C 176 -8.78 -2.48 3.14
N SER C 177 -8.98 -1.21 2.75
CA SER C 177 -7.90 -0.22 2.69
C SER C 177 -7.44 0.23 4.07
N GLY C 178 -8.19 -0.10 5.13
CA GLY C 178 -7.98 0.45 6.44
C GLY C 178 -8.65 1.78 6.68
N LEU C 179 -9.42 2.28 5.71
CA LEU C 179 -10.12 3.55 5.86
C LEU C 179 -11.61 3.28 6.05
N TYR C 180 -12.28 4.27 6.61
CA TYR C 180 -13.70 4.17 6.95
C TYR C 180 -14.51 4.88 5.89
N SER C 181 -15.74 4.42 5.71
CA SER C 181 -16.71 5.19 4.97
C SER C 181 -18.06 5.06 5.65
N LEU C 182 -18.89 6.08 5.48
CA LEU C 182 -20.29 5.99 5.89
C LEU C 182 -21.16 6.78 4.92
N SER C 183 -22.46 6.70 5.13
CA SER C 183 -23.43 7.49 4.39
CA SER C 183 -23.41 7.51 4.40
C SER C 183 -24.35 8.20 5.37
N SER C 184 -24.84 9.37 5.00
CA SER C 184 -25.94 10.07 5.70
C SER C 184 -27.05 10.32 4.69
N VAL C 185 -28.28 10.04 5.08
CA VAL C 185 -29.43 10.16 4.14
C VAL C 185 -30.48 11.07 4.75
N VAL C 186 -31.29 11.70 3.92
CA VAL C 186 -32.43 12.50 4.41
C VAL C 186 -33.63 12.16 3.52
N THR C 187 -34.77 11.88 4.12
CA THR C 187 -36.03 11.64 3.37
C THR C 187 -36.71 13.00 3.28
N VAL C 188 -37.04 13.43 2.07
CA VAL C 188 -37.57 14.77 1.83
C VAL C 188 -38.76 14.67 0.87
N PRO C 189 -39.56 15.74 0.79
CA PRO C 189 -40.63 15.79 -0.21
C PRO C 189 -40.08 15.84 -1.61
N SER C 190 -40.55 14.94 -2.47
CA SER C 190 -40.13 14.97 -3.88
C SER C 190 -40.51 16.30 -4.55
N SER C 191 -41.54 16.99 -4.05
CA SER C 191 -41.85 18.32 -4.57
C SER C 191 -40.68 19.28 -4.39
N THR C 197 -32.70 23.68 -1.45
CA THR C 197 -31.34 23.17 -1.55
C THR C 197 -30.94 22.30 -0.35
N TYR C 198 -30.12 21.27 -0.61
CA TYR C 198 -29.74 20.28 0.40
C TYR C 198 -28.23 20.13 0.40
N ILE C 199 -27.60 20.48 1.52
CA ILE C 199 -26.15 20.43 1.66
C ILE C 199 -25.81 19.57 2.86
N CYS C 200 -25.00 18.55 2.65
CA CYS C 200 -24.51 17.80 3.78
C CYS C 200 -23.23 18.48 4.24
N ASN C 201 -23.15 18.70 5.53
CA ASN C 201 -21.97 19.25 6.20
C ASN C 201 -21.26 18.10 6.90
N VAL C 202 -20.08 17.74 6.41
CA VAL C 202 -19.32 16.59 6.93
C VAL C 202 -18.15 17.12 7.75
N ASN C 203 -18.03 16.70 9.01
CA ASN C 203 -16.94 17.16 9.89
C ASN C 203 -16.06 15.99 10.30
N HIS C 204 -14.76 16.07 10.03
CA HIS C 204 -13.78 15.04 10.44
C HIS C 204 -12.71 15.75 11.28
N ALA C 205 -12.97 15.96 12.56
CA ALA C 205 -12.06 16.68 13.45
C ALA C 205 -10.67 16.04 13.46
N PRO C 206 -10.51 14.70 13.43
CA PRO C 206 -9.16 14.14 13.47
C PRO C 206 -8.22 14.76 12.42
N SER C 207 -8.70 15.00 11.19
CA SER C 207 -7.91 15.58 10.12
C SER C 207 -8.15 17.06 9.95
N ASN C 208 -8.94 17.68 10.82
CA ASN C 208 -9.25 19.10 10.74
C ASN C 208 -9.87 19.47 9.41
N THR C 209 -10.79 18.63 8.94
CA THR C 209 -11.39 18.76 7.61
C THR C 209 -12.91 18.89 7.78
N LYS C 210 -13.49 19.89 7.13
CA LYS C 210 -14.93 20.02 6.98
C LYS C 210 -15.25 20.09 5.48
N VAL C 211 -16.27 19.34 5.06
CA VAL C 211 -16.66 19.31 3.67
C VAL C 211 -18.16 19.56 3.58
N ASP C 212 -18.54 20.48 2.72
CA ASP C 212 -19.97 20.76 2.43
C ASP C 212 -20.23 20.32 0.99
N LYS C 213 -21.23 19.45 0.78
CA LYS C 213 -21.56 18.94 -0.57
C LYS C 213 -23.03 19.22 -0.85
N LYS C 214 -23.31 20.04 -1.85
CA LYS C 214 -24.71 20.29 -2.26
C LYS C 214 -25.17 19.08 -3.08
N VAL C 215 -26.33 18.55 -2.74
CA VAL C 215 -26.87 17.34 -3.42
C VAL C 215 -28.03 17.75 -4.31
N GLU C 216 -27.84 17.68 -5.63
CA GLU C 216 -28.87 17.96 -6.64
C GLU C 216 -29.28 16.69 -7.38
N PRO C 217 -30.51 16.64 -7.92
CA PRO C 217 -30.98 15.43 -8.61
C PRO C 217 -30.27 15.15 -9.94
N GLN D 1 -9.23 -27.10 24.75
CA GLN D 1 -9.78 -25.74 24.94
C GLN D 1 -11.27 -25.83 25.25
N VAL D 2 -11.68 -25.39 26.43
CA VAL D 2 -13.12 -25.42 26.85
C VAL D 2 -13.89 -24.50 25.90
N VAL D 3 -15.03 -24.96 25.40
CA VAL D 3 -15.90 -24.16 24.50
C VAL D 3 -17.27 -24.05 25.17
N VAL D 4 -17.76 -22.84 25.35
CA VAL D 4 -19.04 -22.57 26.01
C VAL D 4 -20.02 -22.09 24.94
N THR D 5 -21.19 -22.75 24.85
CA THR D 5 -22.08 -22.50 23.73
C THR D 5 -23.44 -22.03 24.21
N GLN D 6 -23.95 -21.02 23.54
CA GLN D 6 -25.23 -20.36 23.83
C GLN D 6 -26.04 -20.29 22.54
N GLU D 7 -27.37 -20.22 22.68
CA GLU D 7 -28.20 -19.88 21.52
C GLU D 7 -27.72 -18.60 20.88
N SER D 8 -27.73 -18.54 19.54
CA SER D 8 -27.22 -17.32 18.91
C SER D 8 -28.23 -16.18 19.02
N ALA D 9 -29.53 -16.48 19.01
CA ALA D 9 -30.55 -15.44 19.05
C ALA D 9 -31.87 -16.04 19.49
N LEU D 10 -32.64 -15.26 20.25
CA LEU D 10 -33.99 -15.64 20.66
C LEU D 10 -34.88 -14.41 20.61
N THR D 11 -36.16 -14.63 20.32
CA THR D 11 -37.15 -13.54 20.30
C THR D 11 -38.25 -13.85 21.30
N THR D 12 -38.63 -12.84 22.09
CA THR D 12 -39.72 -12.91 23.04
C THR D 12 -40.55 -11.62 22.92
N SER D 13 -41.61 -11.53 23.71
CA SER D 13 -42.52 -10.39 23.72
C SER D 13 -42.78 -9.96 25.14
N PRO D 14 -43.18 -8.71 25.35
CA PRO D 14 -43.35 -8.21 26.73
C PRO D 14 -44.29 -9.11 27.52
N GLY D 15 -43.88 -9.44 28.76
CA GLY D 15 -44.64 -10.26 29.67
C GLY D 15 -44.40 -11.76 29.58
N GLU D 16 -43.72 -12.23 28.54
CA GLU D 16 -43.46 -13.64 28.34
C GLU D 16 -42.28 -14.08 29.18
N THR D 17 -42.15 -15.38 29.36
CA THR D 17 -40.97 -15.99 29.98
C THR D 17 -40.04 -16.48 28.88
N VAL D 18 -38.76 -16.13 28.99
CA VAL D 18 -37.77 -16.64 28.05
C VAL D 18 -36.63 -17.26 28.84
N THR D 19 -36.04 -18.31 28.25
CA THR D 19 -35.00 -19.08 28.93
C THR D 19 -33.81 -19.20 27.99
N LEU D 20 -32.65 -18.74 28.47
CA LEU D 20 -31.41 -18.80 27.74
C LEU D 20 -30.52 -19.86 28.38
N THR D 21 -29.76 -20.58 27.56
CA THR D 21 -28.94 -21.72 28.04
C THR D 21 -27.46 -21.55 27.72
N CYS D 22 -26.63 -22.26 28.46
CA CYS D 22 -25.15 -22.14 28.40
C CYS D 22 -24.58 -23.55 28.57
N ARG D 23 -23.96 -24.07 27.52
CA ARG D 23 -23.44 -25.46 27.54
C ARG D 23 -21.91 -25.45 27.68
N SER D 24 -21.35 -26.50 28.26
CA SER D 24 -19.89 -26.65 28.40
C SER D 24 -19.42 -27.84 27.57
N SER D 25 -18.30 -27.68 26.87
CA SER D 25 -17.66 -28.76 26.10
C SER D 25 -17.19 -29.85 27.05
N THR D 26 -16.97 -29.52 28.33
CA THR D 26 -16.40 -30.47 29.26
C THR D 26 -17.41 -31.51 29.73
N GLY D 27 -18.68 -31.16 29.68
CA GLY D 27 -19.71 -32.01 30.20
C GLY D 27 -20.73 -31.14 30.89
N ALA D 28 -21.42 -31.73 31.85
CA ALA D 28 -22.45 -31.02 32.58
C ALA D 28 -21.86 -29.79 33.28
N VAL D 29 -22.59 -28.67 33.19
CA VAL D 29 -22.24 -27.45 33.95
C VAL D 29 -22.60 -27.78 35.38
N THR D 30 -21.83 -27.34 36.35
CA THR D 30 -22.04 -27.66 37.77
C THR D 30 -22.07 -26.37 38.57
N THR D 31 -22.54 -26.43 39.81
CA THR D 31 -22.55 -25.27 40.72
C THR D 31 -21.12 -24.73 40.82
N SER D 32 -20.12 -25.57 40.57
CA SER D 32 -18.69 -25.21 40.71
C SER D 32 -18.19 -24.44 39.48
N ASN D 33 -19.01 -24.30 38.44
CA ASN D 33 -18.68 -23.47 37.26
C ASN D 33 -19.16 -22.06 37.55
N TYR D 34 -19.86 -21.86 38.66
CA TYR D 34 -20.18 -20.53 39.15
C TYR D 34 -20.68 -19.64 38.02
N ALA D 35 -21.67 -20.17 37.30
CA ALA D 35 -22.04 -19.55 36.03
C ALA D 35 -22.49 -18.11 36.26
N ASN D 36 -21.88 -17.22 35.50
CA ASN D 36 -22.24 -15.81 35.48
C ASN D 36 -23.02 -15.52 34.21
N TRP D 37 -23.91 -14.55 34.31
CA TRP D 37 -24.63 -14.01 33.16
C TRP D 37 -24.45 -12.52 33.21
N VAL D 38 -24.13 -11.92 32.08
CA VAL D 38 -23.94 -10.48 31.98
C VAL D 38 -24.70 -10.01 30.75
N GLN D 39 -25.16 -8.77 30.81
CA GLN D 39 -25.97 -8.17 29.77
C GLN D 39 -25.21 -7.05 29.11
N GLU D 40 -25.22 -7.05 27.78
CA GLU D 40 -24.59 -6.00 26.98
C GLU D 40 -25.68 -5.24 26.23
N LYS D 41 -25.79 -3.96 26.53
CA LYS D 41 -26.68 -3.06 25.82
C LYS D 41 -25.89 -2.09 24.98
N PRO D 42 -26.56 -1.36 24.07
CA PRO D 42 -25.82 -0.55 23.12
C PRO D 42 -24.92 0.48 23.75
N ASP D 43 -23.86 0.81 23.01
CA ASP D 43 -22.74 1.62 23.48
C ASP D 43 -21.88 0.84 24.49
N HIS D 44 -21.66 -0.44 24.21
CA HIS D 44 -20.78 -1.32 25.00
C HIS D 44 -21.05 -1.19 26.49
N LEU D 45 -22.32 -1.30 26.88
CA LEU D 45 -22.73 -1.09 28.26
C LEU D 45 -22.99 -2.48 28.86
N PHE D 46 -22.06 -2.96 29.68
CA PHE D 46 -22.19 -4.25 30.34
C PHE D 46 -22.72 -4.12 31.76
N THR D 47 -23.61 -5.05 32.14
CA THR D 47 -24.21 -5.10 33.46
C THR D 47 -24.15 -6.53 33.95
N GLY D 48 -23.66 -6.73 35.17
CA GLY D 48 -23.71 -8.05 35.74
C GLY D 48 -25.14 -8.38 36.12
N LEU D 49 -25.53 -9.62 35.88
CA LEU D 49 -26.87 -10.07 36.26
C LEU D 49 -26.84 -11.17 37.29
N ILE D 50 -26.20 -12.30 36.99
CA ILE D 50 -26.20 -13.46 37.87
C ILE D 50 -24.75 -13.91 38.03
N GLY D 51 -24.41 -14.40 39.21
CA GLY D 51 -23.08 -14.96 39.45
C GLY D 51 -23.09 -15.88 40.65
N GLY D 52 -21.90 -16.28 41.10
CA GLY D 52 -21.77 -17.20 42.23
C GLY D 52 -22.64 -18.41 41.98
N ILE D 53 -23.58 -18.70 42.87
CA ILE D 53 -24.56 -19.80 42.66
C ILE D 53 -25.93 -19.17 42.51
N ASN D 54 -26.30 -18.77 41.30
CA ASN D 54 -27.65 -18.22 41.00
C ASN D 54 -27.90 -16.96 41.81
N ASN D 55 -26.87 -16.18 42.11
CA ASN D 55 -27.04 -14.95 42.91
C ASN D 55 -27.22 -13.73 42.01
N ARG D 56 -28.25 -12.92 42.27
CA ARG D 56 -28.45 -11.68 41.52
C ARG D 56 -27.45 -10.61 41.94
N ALA D 57 -26.92 -9.89 40.96
CA ALA D 57 -26.02 -8.79 41.22
C ALA D 57 -26.81 -7.62 41.80
N PRO D 58 -26.13 -6.65 42.39
CA PRO D 58 -26.85 -5.55 43.04
C PRO D 58 -27.77 -4.81 42.07
N GLY D 59 -28.98 -4.54 42.54
CA GLY D 59 -29.97 -3.82 41.77
C GLY D 59 -30.59 -4.57 40.62
N VAL D 60 -30.23 -5.82 40.40
CA VAL D 60 -30.80 -6.56 39.26
C VAL D 60 -32.25 -6.89 39.57
N PRO D 61 -33.19 -6.68 38.64
CA PRO D 61 -34.59 -6.97 38.94
C PRO D 61 -34.83 -8.46 39.24
N ALA D 62 -35.89 -8.72 40.02
CA ALA D 62 -36.19 -10.07 40.45
C ALA D 62 -36.58 -10.98 39.29
N ARG D 63 -37.04 -10.41 38.18
CA ARG D 63 -37.44 -11.21 37.03
C ARG D 63 -36.29 -11.97 36.39
N PHE D 64 -35.04 -11.69 36.77
CA PHE D 64 -33.88 -12.45 36.30
C PHE D 64 -33.50 -13.50 37.33
N SER D 65 -33.35 -14.75 36.88
CA SER D 65 -32.92 -15.81 37.80
C SER D 65 -32.03 -16.78 37.03
N GLY D 66 -31.13 -17.43 37.75
CA GLY D 66 -30.26 -18.44 37.20
C GLY D 66 -30.58 -19.81 37.76
N SER D 67 -30.29 -20.84 36.97
CA SER D 67 -30.49 -22.20 37.44
C SER D 67 -29.70 -23.16 36.56
N LEU D 68 -29.76 -24.45 36.90
CA LEU D 68 -29.28 -25.49 36.00
C LEU D 68 -30.48 -26.13 35.31
N ILE D 69 -30.35 -26.41 34.00
CA ILE D 69 -31.38 -27.19 33.27
C ILE D 69 -30.67 -28.32 32.57
N ALA D 70 -30.97 -29.55 32.97
CA ALA D 70 -30.21 -30.67 32.44
C ALA D 70 -28.74 -30.42 32.70
N ASP D 71 -27.95 -30.62 31.65
CA ASP D 71 -26.50 -30.46 31.69
C ASP D 71 -26.03 -29.01 31.57
N LYS D 72 -26.95 -28.05 31.51
CA LYS D 72 -26.60 -26.68 31.12
C LYS D 72 -26.93 -25.68 32.23
N ALA D 73 -26.28 -24.53 32.17
CA ALA D 73 -26.68 -23.38 32.96
C ALA D 73 -27.77 -22.62 32.20
N ALA D 74 -28.65 -21.98 32.95
CA ALA D 74 -29.78 -21.31 32.37
C ALA D 74 -30.01 -19.98 33.06
N LEU D 75 -30.47 -19.03 32.28
CA LEU D 75 -30.97 -17.74 32.72
C LEU D 75 -32.44 -17.66 32.31
N THR D 76 -33.29 -17.37 33.28
CA THR D 76 -34.72 -17.17 33.05
C THR D 76 -35.08 -15.71 33.26
N ILE D 77 -35.74 -15.14 32.27
CA ILE D 77 -36.36 -13.82 32.39
C ILE D 77 -37.87 -14.05 32.38
N THR D 78 -38.53 -13.84 33.53
CA THR D 78 -39.99 -13.81 33.55
C THR D 78 -40.50 -12.39 33.27
N GLY D 79 -41.68 -12.30 32.72
CA GLY D 79 -42.29 -11.01 32.50
C GLY D 79 -41.36 -10.06 31.78
N ALA D 80 -40.82 -10.52 30.65
CA ALA D 80 -39.83 -9.76 29.90
C ALA D 80 -40.33 -8.35 29.62
N GLN D 81 -39.41 -7.39 29.73
CA GLN D 81 -39.69 -5.99 29.41
C GLN D 81 -38.92 -5.57 28.16
N THR D 82 -39.40 -4.51 27.52
CA THR D 82 -38.69 -4.03 26.33
C THR D 82 -37.24 -3.69 26.65
N GLU D 83 -36.97 -3.19 27.86
CA GLU D 83 -35.59 -2.82 28.22
C GLU D 83 -34.67 -4.02 28.40
N ASP D 84 -35.20 -5.24 28.35
CA ASP D 84 -34.37 -6.43 28.45
C ASP D 84 -33.81 -6.85 27.10
N GLU D 85 -34.20 -6.19 26.03
CA GLU D 85 -33.56 -6.42 24.75
C GLU D 85 -32.07 -6.12 24.89
N ALA D 86 -31.23 -7.12 24.62
CA ALA D 86 -29.79 -6.99 24.87
C ALA D 86 -29.08 -8.24 24.36
N ILE D 87 -27.75 -8.28 24.44
CA ILE D 87 -26.99 -9.49 24.19
C ILE D 87 -26.59 -10.03 25.56
N TYR D 88 -26.86 -11.31 25.79
CA TYR D 88 -26.62 -11.95 27.09
C TYR D 88 -25.46 -12.91 26.94
N PHE D 89 -24.43 -12.73 27.75
CA PHE D 89 -23.29 -13.63 27.74
C PHE D 89 -23.25 -14.46 29.01
N CYS D 90 -22.89 -15.73 28.89
CA CYS D 90 -22.60 -16.55 30.05
C CYS D 90 -21.09 -16.76 30.16
N ALA D 91 -20.65 -16.98 31.38
CA ALA D 91 -19.26 -17.32 31.66
C ALA D 91 -19.20 -18.39 32.72
N LEU D 92 -18.32 -19.38 32.51
CA LEU D 92 -18.14 -20.53 33.38
C LEU D 92 -16.72 -20.54 33.94
N TRP D 93 -16.60 -20.87 35.21
CA TRP D 93 -15.32 -20.87 35.92
C TRP D 93 -14.76 -22.28 35.92
N TYR D 94 -13.52 -22.43 35.49
CA TYR D 94 -12.88 -23.74 35.39
C TYR D 94 -11.59 -23.75 36.21
N SER D 95 -11.73 -23.67 37.54
CA SER D 95 -10.62 -23.84 38.50
C SER D 95 -9.70 -22.63 38.58
N ASN D 96 -9.28 -22.10 37.43
CA ASN D 96 -8.30 -21.03 37.37
C ASN D 96 -8.57 -20.00 36.28
N HIS D 97 -9.72 -20.06 35.61
CA HIS D 97 -9.97 -19.12 34.53
C HIS D 97 -11.45 -19.14 34.20
N TRP D 98 -11.89 -18.06 33.58
CA TRP D 98 -13.26 -17.93 33.08
C TRP D 98 -13.25 -18.19 31.59
N VAL D 99 -14.33 -18.81 31.10
CA VAL D 99 -14.54 -18.97 29.67
C VAL D 99 -15.91 -18.41 29.34
N PHE D 100 -15.94 -17.49 28.37
CA PHE D 100 -17.20 -16.89 27.93
C PHE D 100 -17.85 -17.65 26.79
N GLY D 101 -19.18 -17.73 26.85
CA GLY D 101 -19.93 -18.11 25.67
C GLY D 101 -19.98 -17.01 24.62
N GLY D 102 -20.58 -17.37 23.49
CA GLY D 102 -20.69 -16.52 22.33
C GLY D 102 -21.74 -15.44 22.40
N GLY D 103 -22.57 -15.49 23.43
CA GLY D 103 -23.64 -14.51 23.57
C GLY D 103 -24.91 -14.91 22.84
N THR D 104 -26.04 -14.47 23.42
CA THR D 104 -27.36 -14.62 22.82
C THR D 104 -27.96 -13.24 22.61
N LYS D 105 -28.34 -12.94 21.38
CA LYS D 105 -29.02 -11.71 21.04
C LYS D 105 -30.50 -11.88 21.32
N LEU D 106 -30.99 -11.30 22.43
CA LEU D 106 -32.42 -11.38 22.78
C LEU D 106 -33.15 -10.15 22.24
N THR D 107 -34.10 -10.40 21.34
CA THR D 107 -35.04 -9.40 20.83
C THR D 107 -36.32 -9.45 21.66
N VAL D 108 -36.79 -8.29 22.12
CA VAL D 108 -38.09 -8.17 22.76
C VAL D 108 -38.98 -7.32 21.85
N LEU D 109 -39.99 -7.94 21.26
CA LEU D 109 -40.83 -7.23 20.28
C LEU D 109 -41.60 -6.11 20.98
N GLY D 110 -41.32 -4.86 20.63
CA GLY D 110 -42.00 -3.77 21.32
C GLY D 110 -42.85 -2.91 20.41
N GLN D 111 -42.96 -3.37 19.17
CA GLN D 111 -43.47 -2.63 18.02
C GLN D 111 -44.08 -3.65 17.07
N PRO D 112 -45.11 -3.27 16.32
CA PRO D 112 -45.55 -4.16 15.24
C PRO D 112 -44.50 -4.24 14.13
N LYS D 113 -44.45 -5.40 13.47
CA LYS D 113 -43.53 -5.58 12.36
C LYS D 113 -43.79 -4.54 11.28
N ALA D 114 -42.72 -4.18 10.57
CA ALA D 114 -42.77 -3.24 9.48
C ALA D 114 -41.73 -3.64 8.45
N ALA D 115 -42.14 -3.72 7.18
CA ALA D 115 -41.23 -4.11 6.11
C ALA D 115 -40.34 -2.94 5.68
N PRO D 116 -39.13 -3.22 5.20
CA PRO D 116 -38.23 -2.13 4.87
C PRO D 116 -38.63 -1.37 3.61
N SER D 117 -38.27 -0.10 3.58
CA SER D 117 -38.26 0.68 2.34
C SER D 117 -36.82 0.74 1.84
N VAL D 118 -36.60 0.40 0.55
CA VAL D 118 -35.26 0.21 0.01
C VAL D 118 -35.01 1.20 -1.12
N THR D 119 -33.85 1.88 -1.08
CA THR D 119 -33.43 2.80 -2.11
C THR D 119 -32.02 2.40 -2.50
N LEU D 120 -31.78 2.29 -3.81
CA LEU D 120 -30.47 1.89 -4.31
C LEU D 120 -29.90 3.02 -5.16
N PHE D 121 -28.75 3.49 -4.77
CA PHE D 121 -28.09 4.57 -5.46
C PHE D 121 -26.97 4.02 -6.34
N PRO D 122 -26.92 4.36 -7.62
CA PRO D 122 -25.74 4.00 -8.43
C PRO D 122 -24.57 4.89 -8.09
N PRO D 123 -23.38 4.59 -8.60
CA PRO D 123 -22.24 5.49 -8.41
C PRO D 123 -22.54 6.86 -9.01
N SER D 124 -22.09 7.89 -8.31
CA SER D 124 -22.21 9.25 -8.82
C SER D 124 -21.16 9.49 -9.91
N SER D 125 -21.51 10.40 -10.83
CA SER D 125 -20.54 10.81 -11.85
C SER D 125 -19.28 11.32 -11.17
N GLU D 126 -19.44 12.03 -10.06
CA GLU D 126 -18.25 12.58 -9.40
C GLU D 126 -17.36 11.46 -8.86
N GLU D 127 -17.95 10.42 -8.27
CA GLU D 127 -17.15 9.31 -7.77
C GLU D 127 -16.44 8.59 -8.92
N LEU D 128 -17.12 8.42 -10.05
CA LEU D 128 -16.48 7.76 -11.19
C LEU D 128 -15.30 8.57 -11.71
N GLN D 129 -15.40 9.90 -11.67
CA GLN D 129 -14.27 10.76 -12.04
C GLN D 129 -13.08 10.55 -11.10
N ALA D 130 -13.35 10.13 -9.87
CA ALA D 130 -12.32 9.74 -8.90
C ALA D 130 -11.91 8.28 -9.05
N ASN D 131 -12.24 7.66 -10.19
CA ASN D 131 -11.85 6.26 -10.53
C ASN D 131 -12.40 5.25 -9.52
N LYS D 132 -13.55 5.54 -8.93
CA LYS D 132 -14.21 4.58 -8.02
C LYS D 132 -15.70 4.50 -8.34
N ALA D 133 -16.34 3.42 -7.92
CA ALA D 133 -17.77 3.20 -8.19
C ALA D 133 -18.43 2.46 -7.03
N THR D 134 -19.16 3.15 -6.17
CA THR D 134 -19.84 2.51 -5.04
C THR D 134 -21.35 2.54 -5.26
N LEU D 135 -21.99 1.38 -5.14
CA LEU D 135 -23.44 1.30 -5.11
C LEU D 135 -23.86 1.34 -3.64
N VAL D 136 -24.85 2.17 -3.32
CA VAL D 136 -25.28 2.38 -1.93
C VAL D 136 -26.74 1.93 -1.82
N CYS D 137 -26.97 0.87 -1.05
CA CYS D 137 -28.30 0.34 -0.83
C CYS D 137 -28.73 0.79 0.57
N LEU D 138 -29.76 1.63 0.64
CA LEU D 138 -30.24 2.16 1.90
C LEU D 138 -31.56 1.49 2.26
N ILE D 139 -31.67 1.02 3.49
CA ILE D 139 -32.77 0.16 3.95
C ILE D 139 -33.35 0.81 5.19
N SER D 140 -34.60 1.25 5.12
CA SER D 140 -35.12 2.13 6.15
C SER D 140 -36.45 1.65 6.69
N ASP D 141 -36.71 2.03 7.94
CA ASP D 141 -38.03 1.98 8.57
C ASP D 141 -38.58 0.56 8.71
N PHE D 142 -37.71 -0.39 9.08
CA PHE D 142 -38.14 -1.76 9.31
C PHE D 142 -38.12 -2.13 10.78
N TYR D 143 -38.91 -3.15 11.10
CA TYR D 143 -38.96 -3.68 12.46
C TYR D 143 -39.43 -5.12 12.38
N PRO D 144 -38.79 -6.08 13.09
CA PRO D 144 -37.63 -5.91 14.00
C PRO D 144 -36.35 -5.61 13.24
N GLY D 145 -35.30 -5.28 14.00
CA GLY D 145 -34.08 -4.76 13.43
C GLY D 145 -33.07 -5.80 13.00
N ALA D 146 -33.45 -6.63 12.05
CA ALA D 146 -32.59 -7.63 11.44
C ALA D 146 -32.95 -7.80 9.96
N VAL D 147 -31.92 -7.68 9.11
CA VAL D 147 -32.06 -7.92 7.68
C VAL D 147 -30.85 -8.70 7.18
N THR D 148 -31.03 -9.38 6.04
CA THR D 148 -29.90 -9.89 5.25
C THR D 148 -29.95 -9.28 3.86
N VAL D 149 -28.79 -8.88 3.36
CA VAL D 149 -28.68 -8.20 2.07
C VAL D 149 -27.88 -9.08 1.13
N ALA D 150 -28.39 -9.26 -0.08
CA ALA D 150 -27.69 -9.99 -1.13
C ALA D 150 -27.59 -9.09 -2.35
N TRP D 151 -26.42 -9.09 -2.98
CA TRP D 151 -26.22 -8.29 -4.20
C TRP D 151 -26.06 -9.19 -5.43
N LYS D 152 -26.53 -8.68 -6.57
CA LYS D 152 -26.50 -9.40 -7.84
C LYS D 152 -25.90 -8.54 -8.93
N ALA D 153 -25.15 -9.18 -9.83
CA ALA D 153 -24.68 -8.61 -11.09
C ALA D 153 -25.37 -9.40 -12.19
N ASP D 154 -26.27 -8.74 -12.91
CA ASP D 154 -27.25 -9.43 -13.77
C ASP D 154 -27.98 -10.37 -12.80
N SER D 155 -28.14 -11.65 -13.11
CA SER D 155 -28.87 -12.57 -12.24
C SER D 155 -27.96 -13.43 -11.37
N SER D 156 -26.68 -13.09 -11.26
CA SER D 156 -25.69 -13.90 -10.57
C SER D 156 -25.16 -13.16 -9.35
N PRO D 157 -24.80 -13.88 -8.28
CA PRO D 157 -24.17 -13.20 -7.15
C PRO D 157 -22.94 -12.43 -7.59
N VAL D 158 -22.69 -11.32 -6.91
CA VAL D 158 -21.62 -10.42 -7.33
C VAL D 158 -20.27 -11.06 -7.03
N LYS D 159 -19.27 -10.65 -7.82
CA LYS D 159 -17.86 -11.00 -7.61
C LYS D 159 -17.09 -9.75 -7.20
N ALA D 160 -17.59 -9.05 -6.18
CA ALA D 160 -17.00 -7.81 -5.69
C ALA D 160 -17.22 -7.73 -4.18
N GLY D 161 -16.72 -6.65 -3.59
CA GLY D 161 -16.72 -6.51 -2.15
C GLY D 161 -18.00 -5.86 -1.64
N VAL D 162 -18.52 -6.43 -0.57
CA VAL D 162 -19.72 -5.92 0.07
C VAL D 162 -19.45 -5.63 1.54
N GLU D 163 -19.96 -4.50 2.00
CA GLU D 163 -19.98 -4.14 3.41
C GLU D 163 -21.41 -3.75 3.78
N THR D 164 -21.88 -4.26 4.90
CA THR D 164 -23.24 -3.99 5.36
C THR D 164 -23.21 -3.63 6.85
N THR D 165 -23.89 -2.56 7.22
CA THR D 165 -23.91 -2.15 8.61
C THR D 165 -24.95 -2.93 9.41
N THR D 166 -24.69 -3.06 10.70
CA THR D 166 -25.66 -3.63 11.62
C THR D 166 -26.79 -2.61 11.79
N PRO D 167 -28.04 -3.06 11.75
CA PRO D 167 -29.13 -2.08 11.76
C PRO D 167 -29.05 -1.17 12.96
N SER D 168 -29.33 0.09 12.71
CA SER D 168 -29.30 1.13 13.72
C SER D 168 -30.70 1.72 13.91
N LYS D 169 -30.97 2.17 15.12
CA LYS D 169 -32.29 2.69 15.45
C LYS D 169 -32.47 4.09 14.89
N GLN D 170 -33.59 4.29 14.19
CA GLN D 170 -33.91 5.56 13.60
C GLN D 170 -34.53 6.51 14.62
N SER D 171 -34.65 7.78 14.21
CA SER D 171 -35.30 8.79 15.04
C SER D 171 -36.68 8.37 15.52
N ASN D 172 -37.32 7.40 14.87
CA ASN D 172 -38.71 6.96 15.20
C ASN D 172 -38.77 5.56 15.78
N ASN D 173 -37.66 4.99 16.25
CA ASN D 173 -37.61 3.68 16.93
C ASN D 173 -37.60 2.51 15.96
N LYS D 174 -38.00 2.67 14.70
CA LYS D 174 -37.74 1.59 13.76
C LYS D 174 -36.25 1.58 13.41
N TYR D 175 -35.86 0.70 12.50
CA TYR D 175 -34.47 0.46 12.19
C TYR D 175 -34.14 0.82 10.76
N ALA D 176 -32.84 1.07 10.55
CA ALA D 176 -32.30 1.34 9.23
C ALA D 176 -30.95 0.64 9.14
N ALA D 177 -30.59 0.28 7.91
CA ALA D 177 -29.27 -0.28 7.62
C ALA D 177 -28.81 0.19 6.25
N SER D 178 -27.52 -0.02 5.99
CA SER D 178 -26.90 0.39 4.74
C SER D 178 -26.02 -0.74 4.23
N SER D 179 -25.91 -0.84 2.91
CA SER D 179 -25.01 -1.82 2.33
C SER D 179 -24.30 -1.20 1.14
N TYR D 180 -23.02 -1.54 1.00
CA TYR D 180 -22.17 -0.95 -0.02
C TYR D 180 -21.59 -2.04 -0.91
N LEU D 181 -21.72 -1.86 -2.21
CA LEU D 181 -21.06 -2.69 -3.21
C LEU D 181 -19.99 -1.80 -3.84
N SER D 182 -18.72 -2.13 -3.60
CA SER D 182 -17.59 -1.35 -4.13
C SER D 182 -17.06 -2.01 -5.41
N LEU D 183 -17.09 -1.29 -6.51
CA LEU D 183 -16.61 -1.79 -7.79
C LEU D 183 -15.59 -0.84 -8.38
N THR D 184 -14.88 -1.33 -9.37
CA THR D 184 -14.14 -0.42 -10.24
C THR D 184 -15.11 0.15 -11.28
N PRO D 185 -14.79 1.30 -11.85
CA PRO D 185 -15.62 1.82 -12.94
C PRO D 185 -15.77 0.81 -14.07
N GLU D 186 -14.71 0.02 -14.33
CA GLU D 186 -14.77 -0.97 -15.40
C GLU D 186 -15.73 -2.10 -15.05
N GLN D 187 -15.65 -2.61 -13.81
CA GLN D 187 -16.63 -3.59 -13.34
C GLN D 187 -18.05 -3.06 -13.46
N TRP D 188 -18.28 -1.82 -13.00
CA TRP D 188 -19.59 -1.19 -13.09
C TRP D 188 -20.13 -1.25 -14.50
N LYS D 189 -19.32 -0.81 -15.47
CA LYS D 189 -19.75 -0.71 -16.86
C LYS D 189 -19.85 -2.08 -17.53
N SER D 190 -19.32 -3.13 -16.91
CA SER D 190 -19.22 -4.45 -17.53
C SER D 190 -20.40 -5.36 -17.22
N HIS D 191 -21.49 -4.83 -16.65
CA HIS D 191 -22.71 -5.61 -16.49
C HIS D 191 -23.92 -4.76 -16.90
N ARG D 192 -25.02 -5.45 -17.21
CA ARG D 192 -26.20 -4.73 -17.66
C ARG D 192 -26.97 -4.13 -16.48
N SER D 193 -26.91 -4.78 -15.32
CA SER D 193 -27.62 -4.32 -14.14
C SER D 193 -26.92 -4.86 -12.91
N TYR D 194 -27.19 -4.19 -11.79
CA TYR D 194 -26.83 -4.67 -10.46
C TYR D 194 -28.06 -4.54 -9.57
N SER D 195 -28.19 -5.42 -8.58
CA SER D 195 -29.36 -5.42 -7.74
C SER D 195 -29.01 -5.61 -6.27
N CYS D 196 -29.76 -4.91 -5.43
CA CYS D 196 -29.68 -5.04 -3.98
C CYS D 196 -30.94 -5.78 -3.55
N GLN D 197 -30.77 -6.93 -2.90
CA GLN D 197 -31.92 -7.74 -2.45
C GLN D 197 -31.93 -7.78 -0.93
N VAL D 198 -33.01 -7.28 -0.33
CA VAL D 198 -33.10 -7.14 1.12
C VAL D 198 -34.14 -8.12 1.61
N THR D 199 -33.75 -9.03 2.50
CA THR D 199 -34.67 -9.97 3.11
C THR D 199 -34.92 -9.60 4.57
N HIS D 200 -36.21 -9.53 4.95
CA HIS D 200 -36.67 -9.12 6.26
C HIS D 200 -37.85 -9.99 6.64
N GLU D 201 -37.75 -10.71 7.75
CA GLU D 201 -38.87 -11.54 8.20
C GLU D 201 -39.39 -12.42 7.06
N GLY D 202 -38.45 -13.02 6.32
CA GLY D 202 -38.78 -13.94 5.24
C GLY D 202 -39.31 -13.34 3.96
N SER D 203 -39.46 -12.03 3.83
CA SER D 203 -39.89 -11.43 2.57
C SER D 203 -38.74 -10.62 1.98
N THR D 204 -38.55 -10.73 0.65
CA THR D 204 -37.45 -10.06 -0.03
C THR D 204 -37.98 -8.93 -0.91
N VAL D 205 -37.27 -7.81 -0.85
CA VAL D 205 -37.48 -6.62 -1.65
C VAL D 205 -36.21 -6.45 -2.48
N GLU D 206 -36.36 -6.11 -3.76
CA GLU D 206 -35.23 -5.93 -4.66
C GLU D 206 -35.27 -4.55 -5.29
N LYS D 207 -34.10 -3.89 -5.39
CA LYS D 207 -33.97 -2.70 -6.23
C LYS D 207 -32.80 -2.90 -7.18
N THR D 208 -32.89 -2.29 -8.38
CA THR D 208 -31.95 -2.52 -9.47
C THR D 208 -31.53 -1.19 -10.12
N VAL D 209 -30.26 -1.13 -10.55
CA VAL D 209 -29.73 0.02 -11.26
C VAL D 209 -28.93 -0.49 -12.46
N ALA D 210 -28.74 0.38 -13.46
CA ALA D 210 -27.98 0.01 -14.65
C ALA D 210 -27.01 1.11 -15.05
N PRO D 211 -25.81 0.74 -15.49
CA PRO D 211 -24.81 1.78 -15.82
C PRO D 211 -25.25 2.71 -16.92
N THR D 212 -26.19 2.28 -17.76
CA THR D 212 -26.68 3.11 -18.86
C THR D 212 -28.01 3.77 -18.54
C ACT E . 2.16 1.05 -41.57
O ACT E . 1.06 1.48 -41.15
OXT ACT E . 3.09 0.70 -40.85
CH3 ACT E . 2.30 0.83 -43.07
H1 ACT E . 3.24 0.89 -43.31
H2 ACT E . 1.96 -0.04 -43.31
H3 ACT E . 1.80 1.52 -43.54
S SO4 F . 14.45 -15.56 2.50
O1 SO4 F . 13.41 -16.29 3.23
O2 SO4 F . 15.16 -14.70 3.45
O3 SO4 F . 15.42 -16.50 1.95
O4 SO4 F . 13.84 -14.75 1.42
C1 GOL G . 10.49 14.86 -40.40
O1 GOL G . 11.16 13.96 -39.53
C2 GOL G . 10.36 16.17 -39.61
O2 GOL G . 11.59 16.51 -39.01
C3 GOL G . 9.90 17.25 -40.60
O3 GOL G . 10.92 18.21 -40.60
H11 GOL G . 9.62 14.55 -40.68
H12 GOL G . 10.99 15.02 -41.22
HO1 GOL G . 11.96 13.90 -39.82
H2 GOL G . 9.72 16.06 -38.88
HO2 GOL G . 11.43 16.93 -38.29
H31 GOL G . 9.02 17.59 -40.35
H32 GOL G . 9.76 16.86 -41.48
HO3 GOL G . 11.61 17.83 -40.28
C ACT H . 27.51 3.98 0.27
O ACT H . 27.09 3.59 1.42
OXT ACT H . 28.07 3.29 -0.67
CH3 ACT H . 27.26 5.50 -0.01
H1 ACT H . 27.51 5.70 -0.93
H2 ACT H . 26.32 5.70 0.07
H3 ACT H . 27.77 6.06 0.59
#